data_6Z49
#
_entry.id   6Z49
#
_cell.length_a   67.115
_cell.length_b   120.420
_cell.length_c   78.378
_cell.angle_alpha   90.000
_cell.angle_beta   92.940
_cell.angle_gamma   90.000
#
_symmetry.space_group_name_H-M   'P 1 21 1'
#
loop_
_entity.id
_entity.type
_entity.pdbx_description
1 polymer 'Ubiquitin carboxyl-terminal hydrolase MINDY-2'
2 non-polymer 'CHLORIDE ION'
3 non-polymer DI(HYDROXYETHYL)ETHER
4 non-polymer 'TETRAETHYLENE GLYCOL'
5 water water
#
_entity_poly.entity_id   1
_entity_poly.type   'polypeptide(L)'
_entity_poly.pdbx_seq_one_letter_code
;GPLGSPEFMSVYHIKWIQWKEENTPIITQNENGPCPLLAILNVLLLAWKVKLPPMMEIITAEQLMEYLGDYMLDAKPKEI
SEIQRLNYEQNMSDAMAILHKLQTGLDVNVRFTGVRVFEYTPECIVFDLLDIPLYHGWLVDPQIDDIVKAVGNCSYNQLV
EKIISCKQSDNSELVSEGFVAEQFLNNTATQLTYHGLCELTSTVQEGELCVFFRNNHFSTMTKYKGQLYLLVTDQGFLTE
EKVVWESLHNVDGDGNFCDSEFHLRPPSDPETV
;
_entity_poly.pdbx_strand_id   A,B,C,D
#
# COMPACT_ATOMS: atom_id res chain seq x y z
N PHE A 8 -7.98 39.69 -32.60
CA PHE A 8 -7.19 38.45 -32.37
C PHE A 8 -8.12 37.24 -32.33
N MET A 9 -7.98 36.33 -33.32
CA MET A 9 -8.85 35.12 -33.38
C MET A 9 -8.03 33.89 -32.96
N SER A 10 -8.45 33.24 -31.86
CA SER A 10 -7.75 32.04 -31.36
C SER A 10 -8.61 30.80 -31.63
N VAL A 11 -7.96 29.70 -32.02
CA VAL A 11 -8.67 28.42 -32.32
C VAL A 11 -8.21 27.36 -31.32
N TYR A 12 -9.15 26.59 -30.77
CA TYR A 12 -8.82 25.54 -29.77
C TYR A 12 -9.28 24.17 -30.29
N HIS A 13 -8.46 23.14 -30.04
CA HIS A 13 -8.77 21.76 -30.47
C HIS A 13 -9.53 21.04 -29.35
N ILE A 14 -10.65 20.40 -29.69
CA ILE A 14 -11.48 19.70 -28.68
C ILE A 14 -11.07 18.22 -28.62
N LYS A 15 -10.88 17.70 -27.41
CA LYS A 15 -10.58 16.27 -27.19
C LYS A 15 -11.84 15.61 -26.64
N TRP A 16 -12.25 14.51 -27.23
CA TRP A 16 -13.48 13.80 -26.82
C TRP A 16 -13.06 12.61 -25.98
N ILE A 17 -13.48 12.59 -24.71
CA ILE A 17 -13.10 11.55 -23.71
C ILE A 17 -14.37 10.84 -23.26
N GLN A 18 -14.19 9.68 -22.63
CA GLN A 18 -15.27 8.95 -21.92
C GLN A 18 -15.19 9.41 -20.46
N TRP A 19 -16.13 10.25 -20.05
CA TRP A 19 -16.25 10.79 -18.67
C TRP A 19 -17.52 10.23 -18.05
N LYS A 20 -17.36 9.45 -16.99
CA LYS A 20 -18.47 8.71 -16.35
C LYS A 20 -19.28 8.04 -17.44
N GLU A 21 -18.60 7.38 -18.38
CA GLU A 21 -19.24 6.51 -19.40
C GLU A 21 -20.07 7.36 -20.39
N GLU A 22 -19.80 8.67 -20.51
CA GLU A 22 -20.50 9.51 -21.51
C GLU A 22 -19.44 10.25 -22.32
N ASN A 23 -19.68 10.34 -23.63
CA ASN A 23 -18.88 11.12 -24.61
C ASN A 23 -18.88 12.58 -24.17
N THR A 24 -17.73 13.11 -23.78
CA THR A 24 -17.57 14.43 -23.12
C THR A 24 -16.39 15.17 -23.73
N PRO A 25 -16.59 16.42 -24.19
CA PRO A 25 -15.50 17.23 -24.71
C PRO A 25 -14.75 17.99 -23.61
N ILE A 26 -13.47 18.19 -23.85
CA ILE A 26 -12.50 19.02 -23.08
C ILE A 26 -11.82 19.95 -24.09
N ILE A 27 -11.58 21.22 -23.76
CA ILE A 27 -10.81 22.16 -24.62
C ILE A 27 -9.33 22.03 -24.26
N THR A 28 -8.47 21.83 -25.27
CA THR A 28 -7.01 21.73 -25.04
C THR A 28 -6.40 23.12 -25.28
N GLN A 29 -5.29 23.43 -24.61
CA GLN A 29 -4.66 24.77 -24.74
C GLN A 29 -3.92 24.92 -26.08
N ASN A 30 -3.91 26.08 -26.65
CA ASN A 30 -3.19 26.50 -27.88
C ASN A 30 -2.20 27.56 -27.37
N GLU A 31 -1.70 28.54 -28.13
CA GLU A 31 -0.65 29.55 -27.82
C GLU A 31 -0.98 30.29 -26.51
N ASN A 32 -2.26 30.44 -26.19
CA ASN A 32 -2.76 31.12 -24.95
C ASN A 32 -2.24 30.39 -23.71
N GLY A 33 -2.13 29.06 -23.74
CA GLY A 33 -1.64 28.30 -22.59
C GLY A 33 -2.75 28.00 -21.61
N PRO A 34 -2.48 27.74 -20.31
CA PRO A 34 -3.53 27.41 -19.34
C PRO A 34 -4.22 28.68 -18.82
N CYS A 35 -4.99 29.34 -19.69
CA CYS A 35 -5.73 30.57 -19.35
C CYS A 35 -6.98 30.22 -18.53
N PRO A 36 -7.56 31.19 -17.79
CA PRO A 36 -8.73 30.93 -16.95
C PRO A 36 -9.94 30.44 -17.75
N LEU A 37 -10.11 30.96 -18.97
CA LEU A 37 -11.30 30.63 -19.80
C LEU A 37 -11.39 29.12 -20.05
N LEU A 38 -10.27 28.46 -20.35
CA LEU A 38 -10.26 27.00 -20.62
C LEU A 38 -10.58 26.23 -19.33
N ALA A 39 -9.95 26.64 -18.22
CA ALA A 39 -10.14 25.98 -16.92
C ALA A 39 -11.62 26.06 -16.51
N ILE A 40 -12.30 27.19 -16.74
CA ILE A 40 -13.73 27.49 -16.38
C ILE A 40 -14.66 26.67 -17.29
N LEU A 41 -14.49 26.80 -18.60
CA LEU A 41 -15.23 26.01 -19.62
C LEU A 41 -15.14 24.51 -19.31
N ASN A 42 -13.93 24.01 -19.05
CA ASN A 42 -13.72 22.54 -18.87
C ASN A 42 -14.49 22.04 -17.64
N VAL A 43 -14.64 22.87 -16.62
CA VAL A 43 -15.47 22.53 -15.43
C VAL A 43 -16.89 22.30 -15.93
N LEU A 44 -17.41 23.26 -16.73
CA LEU A 44 -18.82 23.23 -17.15
C LEU A 44 -19.07 22.06 -18.13
N LEU A 45 -18.09 21.74 -18.99
CA LEU A 45 -18.20 20.63 -19.97
C LEU A 45 -18.20 19.30 -19.22
N LEU A 46 -17.27 19.11 -18.29
CA LEU A 46 -17.19 17.89 -17.45
C LEU A 46 -18.47 17.74 -16.62
N ALA A 47 -19.05 18.84 -16.14
CA ALA A 47 -20.29 18.80 -15.36
C ALA A 47 -21.50 18.61 -16.28
N TRP A 48 -21.31 18.60 -17.61
CA TRP A 48 -22.40 18.53 -18.61
C TRP A 48 -23.38 19.71 -18.48
N LYS A 49 -22.92 20.86 -18.02
CA LYS A 49 -23.75 22.08 -17.90
C LYS A 49 -23.70 22.85 -19.22
N VAL A 50 -22.59 22.73 -19.95
CA VAL A 50 -22.47 23.18 -21.36
C VAL A 50 -22.26 21.93 -22.22
N LYS A 51 -23.02 21.78 -23.29
CA LYS A 51 -22.90 20.69 -24.29
C LYS A 51 -22.41 21.29 -25.61
N LEU A 52 -21.41 20.67 -26.23
CA LEU A 52 -20.98 21.03 -27.60
C LEU A 52 -21.60 20.06 -28.59
N PRO A 53 -21.72 20.42 -29.89
CA PRO A 53 -22.14 19.46 -30.92
C PRO A 53 -21.21 18.26 -31.01
N PRO A 54 -21.69 17.01 -31.00
CA PRO A 54 -20.79 15.86 -31.05
C PRO A 54 -19.76 15.87 -32.19
N MET A 55 -20.12 16.43 -33.36
CA MET A 55 -19.13 16.63 -34.47
C MET A 55 -17.85 17.23 -33.87
N MET A 56 -18.01 18.40 -33.27
CA MET A 56 -17.02 19.50 -33.14
C MET A 56 -15.58 19.03 -32.86
N GLU A 57 -14.63 19.51 -33.64
CA GLU A 57 -13.18 19.23 -33.43
C GLU A 57 -12.43 20.50 -33.03
N ILE A 58 -12.95 21.66 -33.40
CA ILE A 58 -12.24 22.96 -33.30
C ILE A 58 -13.26 24.05 -32.97
N ILE A 59 -12.82 25.05 -32.21
CA ILE A 59 -13.71 26.11 -31.69
C ILE A 59 -12.86 27.36 -31.51
N THR A 60 -13.46 28.52 -31.82
CA THR A 60 -12.83 29.86 -31.69
C THR A 60 -12.97 30.33 -30.23
N ALA A 61 -12.09 31.25 -29.83
CA ALA A 61 -12.15 31.90 -28.51
C ALA A 61 -13.49 32.62 -28.44
N GLU A 62 -13.89 33.22 -29.56
CA GLU A 62 -15.19 33.94 -29.68
C GLU A 62 -16.34 32.97 -29.37
N GLN A 63 -16.38 31.79 -29.97
CA GLN A 63 -17.50 30.84 -29.68
C GLN A 63 -17.42 30.43 -28.22
N LEU A 64 -16.22 30.26 -27.67
CA LEU A 64 -16.07 29.79 -26.27
C LEU A 64 -16.75 30.81 -25.36
N MET A 65 -16.51 32.08 -25.67
CA MET A 65 -17.11 33.25 -25.00
C MET A 65 -18.63 33.24 -25.15
N GLU A 66 -19.14 33.04 -26.37
CA GLU A 66 -20.61 32.97 -26.59
C GLU A 66 -21.20 31.87 -25.70
N TYR A 67 -20.54 30.71 -25.59
CA TYR A 67 -21.11 29.54 -24.87
C TYR A 67 -21.20 29.91 -23.39
N LEU A 68 -20.16 30.58 -22.89
CA LEU A 68 -20.03 30.94 -21.46
C LEU A 68 -21.09 32.01 -21.10
N GLY A 69 -21.34 32.97 -21.98
CA GLY A 69 -22.34 34.04 -21.75
C GLY A 69 -23.77 33.52 -21.87
N ASP A 70 -24.05 32.68 -22.87
CA ASP A 70 -25.32 31.91 -23.00
C ASP A 70 -25.58 31.07 -21.76
N TYR A 71 -24.54 30.46 -21.18
CA TYR A 71 -24.74 29.63 -19.96
C TYR A 71 -25.21 30.56 -18.84
N MET A 72 -24.65 31.77 -18.74
CA MET A 72 -25.09 32.76 -17.70
C MET A 72 -26.57 33.15 -17.88
N LEU A 73 -27.02 33.53 -19.09
CA LEU A 73 -28.45 33.93 -19.31
C LEU A 73 -29.37 32.73 -19.05
N ASP A 74 -28.91 31.51 -19.35
CA ASP A 74 -29.69 30.26 -19.22
C ASP A 74 -29.80 29.87 -17.74
N ALA A 75 -28.80 30.16 -16.92
CA ALA A 75 -28.74 29.76 -15.48
C ALA A 75 -29.30 30.89 -14.60
N LYS A 76 -29.98 31.87 -15.19
CA LYS A 76 -30.64 33.03 -14.52
C LYS A 76 -31.85 32.51 -13.74
N PRO A 77 -31.85 32.65 -12.39
CA PRO A 77 -32.93 32.07 -11.58
C PRO A 77 -33.19 32.93 -10.33
N LEU A 86 -33.38 41.69 -11.69
CA LEU A 86 -33.02 43.08 -12.09
C LEU A 86 -31.53 43.34 -11.82
N ASN A 87 -31.07 42.98 -10.61
CA ASN A 87 -29.66 43.13 -10.13
C ASN A 87 -28.78 42.04 -10.77
N TYR A 88 -29.36 40.89 -11.11
CA TYR A 88 -28.68 39.72 -11.75
C TYR A 88 -28.28 40.12 -13.18
N GLU A 89 -29.11 40.98 -13.80
CA GLU A 89 -28.94 41.57 -15.16
C GLU A 89 -27.65 42.42 -15.20
N GLN A 90 -27.48 43.30 -14.20
CA GLN A 90 -26.28 44.16 -14.01
C GLN A 90 -25.03 43.30 -13.83
N ASN A 91 -25.13 42.37 -12.88
CA ASN A 91 -24.07 41.40 -12.54
C ASN A 91 -23.77 40.60 -13.79
N MET A 92 -24.78 40.09 -14.49
CA MET A 92 -24.49 39.30 -15.72
C MET A 92 -23.79 40.21 -16.73
N SER A 93 -24.28 41.44 -16.91
CA SER A 93 -23.65 42.37 -17.88
C SER A 93 -22.22 42.72 -17.45
N ASP A 94 -22.04 42.96 -16.14
CA ASP A 94 -20.70 43.30 -15.60
C ASP A 94 -19.77 42.10 -15.81
N ALA A 95 -20.30 40.91 -15.57
CA ALA A 95 -19.55 39.64 -15.71
C ALA A 95 -19.15 39.50 -17.16
N MET A 96 -20.03 39.83 -18.10
CA MET A 96 -19.75 39.73 -19.55
C MET A 96 -18.62 40.70 -19.90
N ALA A 97 -18.66 41.91 -19.36
CA ALA A 97 -17.56 42.87 -19.65
C ALA A 97 -16.25 42.32 -19.06
N ILE A 98 -16.32 41.82 -17.82
CA ILE A 98 -15.14 41.29 -17.07
C ILE A 98 -14.70 40.01 -17.75
N LEU A 99 -15.66 39.27 -18.32
CA LEU A 99 -15.34 37.97 -18.97
C LEU A 99 -14.22 38.11 -20.02
N HIS A 100 -14.12 39.25 -20.71
CA HIS A 100 -13.10 39.51 -21.77
C HIS A 100 -11.70 39.63 -21.16
N LYS A 101 -11.60 40.04 -19.89
CA LYS A 101 -10.33 40.08 -19.13
C LYS A 101 -9.80 38.64 -18.93
N LEU A 102 -10.67 37.61 -19.00
CA LEU A 102 -10.30 36.16 -18.93
C LEU A 102 -9.49 35.74 -20.15
N GLN A 103 -9.30 36.67 -21.08
CA GLN A 103 -8.43 36.43 -22.27
C GLN A 103 -7.40 37.57 -22.34
N THR A 104 -7.73 38.70 -21.72
CA THR A 104 -6.83 39.88 -21.68
C THR A 104 -6.21 40.04 -20.29
N GLY A 105 -5.72 38.94 -19.71
CA GLY A 105 -5.01 38.94 -18.40
C GLY A 105 -5.92 38.99 -17.19
N LEU A 106 -5.69 38.07 -16.25
CA LEU A 106 -6.45 38.08 -14.96
C LEU A 106 -5.50 38.38 -13.80
N ASP A 107 -5.70 39.49 -13.09
CA ASP A 107 -4.82 39.77 -11.92
C ASP A 107 -5.44 39.09 -10.69
N VAL A 108 -5.07 37.82 -10.48
CA VAL A 108 -5.46 36.97 -9.31
C VAL A 108 -4.36 37.13 -8.26
N ASN A 109 -4.75 37.45 -7.05
CA ASN A 109 -3.82 37.84 -5.96
C ASN A 109 -4.15 36.97 -4.74
N VAL A 110 -3.35 35.94 -4.46
CA VAL A 110 -3.67 34.98 -3.35
C VAL A 110 -3.45 35.69 -2.01
N ARG A 111 -4.12 35.22 -0.96
CA ARG A 111 -3.64 35.34 0.45
C ARG A 111 -3.18 33.96 0.89
N PHE A 112 -2.23 33.89 1.83
CA PHE A 112 -1.46 32.68 2.15
C PHE A 112 -2.06 31.97 3.37
N THR A 113 -3.31 32.28 3.72
CA THR A 113 -3.97 31.83 4.98
C THR A 113 -4.95 30.69 4.75
N GLY A 114 -5.47 30.52 3.54
CA GLY A 114 -6.47 29.46 3.24
C GLY A 114 -6.57 29.24 1.74
N VAL A 115 -7.01 28.03 1.35
CA VAL A 115 -7.04 27.54 -0.05
C VAL A 115 -8.10 28.28 -0.86
N ARG A 116 -9.09 28.94 -0.21
CA ARG A 116 -10.14 29.68 -0.95
C ARG A 116 -9.88 31.17 -0.87
N VAL A 117 -8.79 31.62 -0.24
CA VAL A 117 -8.66 33.07 0.10
C VAL A 117 -7.83 33.78 -0.98
N PHE A 118 -8.46 34.77 -1.62
CA PHE A 118 -7.82 35.68 -2.60
C PHE A 118 -8.20 37.11 -2.23
N GLU A 119 -7.38 38.08 -2.63
CA GLU A 119 -7.75 39.51 -2.62
C GLU A 119 -8.94 39.66 -3.56
N TYR A 120 -9.97 40.38 -3.12
CA TYR A 120 -11.17 40.61 -3.96
C TYR A 120 -10.70 41.37 -5.18
N THR A 121 -11.00 40.88 -6.38
CA THR A 121 -10.93 41.66 -7.63
C THR A 121 -12.25 41.40 -8.36
N PRO A 122 -12.70 42.32 -9.24
CA PRO A 122 -14.00 42.18 -9.91
C PRO A 122 -14.28 40.84 -10.63
N GLU A 123 -13.24 40.16 -11.09
CA GLU A 123 -13.25 38.80 -11.69
C GLU A 123 -13.88 37.78 -10.73
N CYS A 124 -13.81 38.01 -9.41
CA CYS A 124 -14.52 37.17 -8.40
C CYS A 124 -16.02 37.16 -8.76
N ILE A 125 -16.50 38.21 -9.44
CA ILE A 125 -17.90 38.30 -10.00
C ILE A 125 -18.17 37.10 -10.92
N VAL A 126 -17.23 36.76 -11.81
CA VAL A 126 -17.42 35.63 -12.78
C VAL A 126 -17.53 34.29 -12.02
N PHE A 127 -16.54 33.91 -11.22
CA PHE A 127 -16.57 32.65 -10.45
C PHE A 127 -17.84 32.55 -9.59
N ASP A 128 -18.26 33.65 -8.96
CA ASP A 128 -19.46 33.70 -8.09
C ASP A 128 -20.70 33.49 -8.94
N LEU A 129 -20.86 34.25 -10.02
CA LEU A 129 -22.03 34.12 -10.93
C LEU A 129 -22.05 32.73 -11.58
N LEU A 130 -20.89 32.14 -11.88
CA LEU A 130 -20.83 30.77 -12.50
C LEU A 130 -20.99 29.70 -11.42
N ASP A 131 -20.84 30.08 -10.14
CA ASP A 131 -20.84 29.19 -8.95
C ASP A 131 -19.76 28.09 -9.12
N ILE A 132 -18.54 28.46 -9.54
CA ILE A 132 -17.36 27.55 -9.66
C ILE A 132 -16.33 27.96 -8.61
N PRO A 133 -15.91 27.04 -7.72
CA PRO A 133 -14.91 27.34 -6.68
C PRO A 133 -13.54 27.57 -7.31
N LEU A 134 -12.82 28.54 -6.77
CA LEU A 134 -11.41 28.85 -7.13
C LEU A 134 -10.54 28.57 -5.93
N TYR A 135 -9.46 27.83 -6.15
CA TYR A 135 -8.55 27.38 -5.07
C TYR A 135 -7.12 27.69 -5.48
N HIS A 136 -6.27 27.76 -4.49
CA HIS A 136 -4.80 27.72 -4.61
C HIS A 136 -4.29 26.96 -3.40
N GLY A 137 -3.01 26.60 -3.39
CA GLY A 137 -2.40 25.90 -2.26
C GLY A 137 -1.11 26.56 -1.81
N TRP A 138 -0.93 27.85 -2.11
CA TRP A 138 0.22 28.66 -1.63
C TRP A 138 0.00 29.12 -0.17
N LEU A 139 0.28 28.25 0.80
CA LEU A 139 -0.14 28.42 2.22
C LEU A 139 1.11 28.43 3.11
N VAL A 140 1.20 29.42 3.98
CA VAL A 140 2.17 29.47 5.10
C VAL A 140 1.85 28.28 6.03
N ASP A 141 2.92 27.62 6.44
CA ASP A 141 2.85 26.46 7.35
C ASP A 141 2.58 27.04 8.74
N PRO A 142 1.40 26.77 9.35
CA PRO A 142 1.02 27.39 10.62
C PRO A 142 1.90 26.99 11.80
N GLN A 143 2.77 25.99 11.62
CA GLN A 143 3.68 25.47 12.67
C GLN A 143 4.90 26.37 12.80
N ILE A 144 5.20 27.20 11.81
CA ILE A 144 6.39 28.12 11.85
C ILE A 144 5.89 29.53 12.19
N ASP A 145 5.91 29.87 13.47
CA ASP A 145 5.25 31.06 14.08
C ASP A 145 5.77 32.36 13.48
N ASP A 146 7.07 32.46 13.18
CA ASP A 146 7.67 33.74 12.70
C ASP A 146 7.16 34.05 11.27
N ILE A 147 6.91 33.02 10.46
CA ILE A 147 6.41 33.22 9.08
C ILE A 147 4.93 33.60 9.17
N VAL A 148 4.19 32.93 10.05
CA VAL A 148 2.73 33.19 10.24
C VAL A 148 2.57 34.69 10.55
N LYS A 149 3.38 35.18 11.49
CA LYS A 149 3.37 36.60 11.93
C LYS A 149 3.85 37.52 10.80
N ALA A 150 4.98 37.22 10.15
CA ALA A 150 5.57 38.09 9.11
C ALA A 150 4.65 38.22 7.88
N VAL A 151 3.96 37.16 7.49
CA VAL A 151 3.12 37.16 6.27
C VAL A 151 1.70 37.65 6.67
N GLY A 152 1.25 37.26 7.85
CA GLY A 152 -0.11 37.53 8.34
C GLY A 152 -1.15 37.31 7.26
N ASN A 153 -1.91 38.38 6.97
CA ASN A 153 -3.09 38.39 6.08
C ASN A 153 -2.70 38.95 4.70
N CYS A 154 -1.44 39.27 4.47
CA CYS A 154 -0.98 39.85 3.21
C CYS A 154 -1.44 39.03 1.99
N SER A 155 -1.90 39.74 0.96
CA SER A 155 -1.94 39.23 -0.42
C SER A 155 -0.51 39.20 -0.97
N TYR A 156 -0.27 38.42 -2.03
CA TYR A 156 1.03 38.37 -2.72
C TYR A 156 1.52 39.80 -2.94
N ASN A 157 0.66 40.63 -3.54
CA ASN A 157 1.03 42.01 -3.95
C ASN A 157 1.31 42.84 -2.69
N GLN A 158 0.51 42.69 -1.63
CA GLN A 158 0.72 43.41 -0.35
C GLN A 158 2.03 42.94 0.31
N LEU A 159 2.36 41.66 0.23
CA LEU A 159 3.59 41.13 0.87
C LEU A 159 4.84 41.67 0.17
N VAL A 160 4.89 41.75 -1.16
CA VAL A 160 6.12 42.28 -1.84
C VAL A 160 6.30 43.73 -1.40
N GLU A 161 5.19 44.44 -1.18
CA GLU A 161 5.20 45.87 -0.78
C GLU A 161 5.64 45.94 0.67
N LYS A 162 5.17 44.99 1.48
CA LYS A 162 5.47 44.96 2.94
C LYS A 162 6.97 44.70 3.11
N ILE A 163 7.52 43.81 2.29
CA ILE A 163 8.95 43.45 2.35
C ILE A 163 9.75 44.74 2.16
N ILE A 164 9.43 45.49 1.11
CA ILE A 164 10.16 46.73 0.71
C ILE A 164 10.07 47.77 1.84
N SER A 165 8.85 48.08 2.30
CA SER A 165 8.60 49.00 3.43
C SER A 165 9.36 48.53 4.68
N CYS A 166 9.21 47.27 5.06
CA CYS A 166 9.74 46.77 6.35
C CYS A 166 11.29 46.77 6.38
N LYS A 167 11.97 46.50 5.27
CA LYS A 167 13.45 46.53 5.23
C LYS A 167 13.98 47.95 5.48
N GLN A 168 13.18 48.98 5.20
CA GLN A 168 13.52 50.43 5.33
C GLN A 168 13.24 50.89 6.75
N SER A 169 12.68 50.02 7.58
CA SER A 169 12.18 50.40 8.93
C SER A 169 13.36 50.61 9.91
N ASP A 170 13.12 51.54 10.84
CA ASP A 170 13.95 51.86 12.03
C ASP A 170 13.57 50.89 13.14
N ASN A 171 12.40 50.24 13.04
CA ASN A 171 11.95 49.19 14.00
C ASN A 171 12.50 47.82 13.58
N SER A 172 13.22 47.16 14.49
CA SER A 172 13.99 45.90 14.30
C SER A 172 13.06 44.75 13.97
N GLU A 173 12.00 44.65 14.77
CA GLU A 173 10.93 43.63 14.62
C GLU A 173 10.38 43.71 13.20
N LEU A 174 10.08 44.91 12.72
CA LEU A 174 9.49 45.10 11.37
C LEU A 174 10.55 44.71 10.34
N VAL A 175 11.84 45.00 10.56
CA VAL A 175 12.92 44.60 9.61
C VAL A 175 12.97 43.07 9.53
N SER A 176 12.80 42.39 10.68
CA SER A 176 12.75 40.91 10.78
C SER A 176 11.62 40.37 9.91
N GLU A 177 10.41 40.87 10.09
CA GLU A 177 9.22 40.38 9.34
C GLU A 177 9.49 40.52 7.83
N GLY A 178 10.07 41.64 7.42
CA GLY A 178 10.51 41.85 6.02
C GLY A 178 11.36 40.71 5.48
N PHE A 179 12.49 40.40 6.13
CA PHE A 179 13.41 39.34 5.66
C PHE A 179 12.72 37.98 5.75
N VAL A 180 11.98 37.73 6.82
CA VAL A 180 11.29 36.41 7.00
C VAL A 180 10.28 36.23 5.86
N ALA A 181 9.55 37.30 5.49
CA ALA A 181 8.54 37.29 4.38
C ALA A 181 9.27 37.03 3.06
N GLU A 182 10.35 37.73 2.82
CA GLU A 182 11.18 37.46 1.61
C GLU A 182 11.63 35.98 1.57
N GLN A 183 12.08 35.42 2.70
CA GLN A 183 12.54 34.01 2.74
C GLN A 183 11.37 33.09 2.33
N PHE A 184 10.19 33.32 2.87
CA PHE A 184 8.98 32.54 2.50
C PHE A 184 8.79 32.58 0.98
N LEU A 185 8.77 33.77 0.36
CA LEU A 185 8.51 33.90 -1.11
C LEU A 185 9.58 33.17 -1.92
N ASN A 186 10.85 33.28 -1.50
CA ASN A 186 11.98 32.65 -2.21
C ASN A 186 11.83 31.13 -2.08
N ASN A 187 11.48 30.63 -0.90
CA ASN A 187 11.54 29.18 -0.59
C ASN A 187 10.28 28.47 -1.10
N THR A 188 9.22 29.20 -1.45
CA THR A 188 7.93 28.61 -1.89
C THR A 188 7.58 29.16 -3.27
N ALA A 189 8.58 29.46 -4.11
CA ALA A 189 8.41 30.20 -5.39
C ALA A 189 7.64 29.39 -6.42
N THR A 190 7.45 28.10 -6.19
CA THR A 190 6.61 27.20 -7.01
C THR A 190 5.10 27.50 -6.78
N GLN A 191 4.76 28.19 -5.70
CA GLN A 191 3.37 28.67 -5.41
C GLN A 191 2.43 27.51 -5.07
N LEU A 192 3.01 26.44 -4.54
CA LEU A 192 2.29 25.34 -3.84
C LEU A 192 3.18 24.87 -2.71
N THR A 193 2.61 24.74 -1.51
CA THR A 193 3.31 24.25 -0.33
C THR A 193 2.69 22.90 0.08
N TYR A 194 3.44 22.14 0.84
CA TYR A 194 3.05 20.82 1.38
C TYR A 194 1.77 21.00 2.20
N HIS A 195 1.75 21.98 3.10
CA HIS A 195 0.56 22.32 3.91
C HIS A 195 -0.60 22.73 2.99
N GLY A 196 -0.35 23.59 2.01
CA GLY A 196 -1.37 23.91 0.99
C GLY A 196 -1.94 22.65 0.34
N LEU A 197 -1.08 21.76 -0.13
CA LEU A 197 -1.52 20.48 -0.74
C LEU A 197 -2.39 19.68 0.24
N CYS A 198 -2.02 19.62 1.53
CA CYS A 198 -2.79 18.87 2.55
C CYS A 198 -4.15 19.56 2.73
N GLU A 199 -4.21 20.90 2.85
CA GLU A 199 -5.48 21.63 3.10
C GLU A 199 -6.40 21.50 1.88
N LEU A 200 -5.84 21.60 0.68
CA LEU A 200 -6.58 21.40 -0.61
C LEU A 200 -7.21 19.98 -0.61
N THR A 201 -6.42 18.96 -0.38
CA THR A 201 -6.84 17.54 -0.41
C THR A 201 -8.03 17.37 0.53
N SER A 202 -7.94 17.89 1.75
CA SER A 202 -9.03 17.71 2.75
C SER A 202 -10.21 18.65 2.48
N THR A 203 -10.02 19.79 1.78
CA THR A 203 -11.06 20.83 1.50
C THR A 203 -11.89 20.51 0.25
N VAL A 204 -11.27 20.16 -0.89
CA VAL A 204 -12.04 19.78 -2.11
C VAL A 204 -12.87 18.54 -1.77
N GLN A 205 -14.13 18.50 -2.18
CA GLN A 205 -14.99 17.31 -1.93
C GLN A 205 -14.82 16.29 -3.05
N GLU A 206 -15.06 15.04 -2.71
CA GLU A 206 -15.09 13.90 -3.66
C GLU A 206 -15.95 14.31 -4.86
N GLY A 207 -15.37 14.24 -6.07
CA GLY A 207 -16.08 14.52 -7.34
C GLY A 207 -16.37 16.00 -7.60
N GLU A 208 -16.01 16.92 -6.70
CA GLU A 208 -16.09 18.38 -6.98
C GLU A 208 -15.32 18.71 -8.27
N LEU A 209 -15.87 19.53 -9.16
CA LEU A 209 -15.13 20.16 -10.28
C LEU A 209 -14.83 21.61 -9.94
N CYS A 210 -13.58 22.02 -10.05
CA CYS A 210 -13.16 23.35 -9.58
C CYS A 210 -11.91 23.82 -10.35
N VAL A 211 -11.54 25.07 -10.11
CA VAL A 211 -10.36 25.69 -10.76
C VAL A 211 -9.29 25.85 -9.68
N PHE A 212 -8.06 25.50 -10.07
CA PHE A 212 -6.83 25.52 -9.26
C PHE A 212 -5.86 26.53 -9.87
N PHE A 213 -5.39 27.46 -9.04
CA PHE A 213 -4.52 28.59 -9.45
C PHE A 213 -3.10 28.32 -8.97
N ARG A 214 -2.13 28.42 -9.87
CA ARG A 214 -0.71 28.33 -9.48
C ARG A 214 0.13 29.00 -10.55
N ASN A 215 1.01 29.95 -10.19
CA ASN A 215 2.00 30.53 -11.14
C ASN A 215 1.27 31.18 -12.31
N ASN A 216 0.21 31.94 -12.06
CA ASN A 216 -0.63 32.60 -13.09
C ASN A 216 -1.18 31.61 -14.12
N HIS A 217 -1.26 30.32 -13.78
CA HIS A 217 -1.90 29.28 -14.62
C HIS A 217 -3.18 28.82 -13.91
N PHE A 218 -4.23 28.55 -14.66
CA PHE A 218 -5.51 27.99 -14.19
C PHE A 218 -5.65 26.59 -14.76
N SER A 219 -6.03 25.63 -13.91
CA SER A 219 -6.26 24.22 -14.28
C SER A 219 -7.65 23.83 -13.79
N THR A 220 -8.29 22.89 -14.47
CA THR A 220 -9.48 22.18 -13.96
C THR A 220 -8.99 21.10 -12.99
N MET A 221 -9.56 21.04 -11.81
CA MET A 221 -9.10 20.14 -10.72
C MET A 221 -10.30 19.33 -10.26
N THR A 222 -10.06 18.08 -9.85
CA THR A 222 -11.11 17.28 -9.17
C THR A 222 -10.43 16.46 -8.08
N LYS A 223 -11.23 15.78 -7.29
CA LYS A 223 -10.75 14.83 -6.28
C LYS A 223 -11.46 13.52 -6.54
N TYR A 224 -10.69 12.44 -6.58
CA TYR A 224 -11.22 11.08 -6.84
C TYR A 224 -10.51 10.10 -5.89
N LYS A 225 -11.29 9.40 -5.07
CA LYS A 225 -10.81 8.54 -3.97
C LYS A 225 -9.77 9.25 -3.11
N GLY A 226 -10.04 10.49 -2.72
CA GLY A 226 -9.17 11.25 -1.81
C GLY A 226 -8.01 11.92 -2.52
N GLN A 227 -7.79 11.66 -3.82
CA GLN A 227 -6.57 12.16 -4.52
C GLN A 227 -6.98 13.28 -5.48
N LEU A 228 -6.19 14.35 -5.47
CA LEU A 228 -6.35 15.53 -6.32
C LEU A 228 -5.78 15.19 -7.69
N TYR A 229 -6.50 15.56 -8.74
CA TYR A 229 -6.05 15.49 -10.15
C TYR A 229 -6.27 16.82 -10.86
N LEU A 230 -5.34 17.18 -11.76
CA LEU A 230 -5.48 18.27 -12.75
C LEU A 230 -5.78 17.67 -14.12
N LEU A 231 -6.77 18.24 -14.81
CA LEU A 231 -7.14 17.85 -16.18
C LEU A 231 -5.95 18.18 -17.08
N VAL A 232 -5.54 17.22 -17.93
CA VAL A 232 -4.39 17.42 -18.87
C VAL A 232 -4.91 18.13 -20.12
N THR A 233 -4.40 19.32 -20.33
CA THR A 233 -4.93 20.31 -21.30
C THR A 233 -3.82 20.60 -22.32
N ASP A 234 -2.64 20.03 -22.10
CA ASP A 234 -1.45 20.22 -22.95
C ASP A 234 -1.75 19.70 -24.37
N GLN A 235 -1.39 20.48 -25.40
CA GLN A 235 -1.79 20.18 -26.81
C GLN A 235 -1.09 18.88 -27.29
N GLY A 236 0.09 18.59 -26.74
CA GLY A 236 0.90 17.39 -27.03
C GLY A 236 0.13 16.09 -26.84
N PHE A 237 -0.98 16.07 -26.07
CA PHE A 237 -1.68 14.83 -25.69
C PHE A 237 -3.05 14.72 -26.37
N LEU A 238 -3.31 15.57 -27.37
CA LEU A 238 -4.63 15.69 -28.05
C LEU A 238 -5.13 14.33 -28.52
N THR A 239 -4.26 13.45 -29.06
CA THR A 239 -4.65 12.13 -29.62
C THR A 239 -4.35 10.96 -28.63
N GLU A 240 -3.76 11.23 -27.45
CA GLU A 240 -3.51 10.21 -26.38
C GLU A 240 -4.76 10.11 -25.52
N GLU A 241 -5.64 9.19 -25.89
CA GLU A 241 -6.94 8.96 -25.19
C GLU A 241 -6.68 8.56 -23.72
N LYS A 242 -5.51 8.02 -23.40
CA LYS A 242 -5.24 7.44 -22.06
C LYS A 242 -4.58 8.49 -21.14
N VAL A 243 -4.27 9.70 -21.67
CA VAL A 243 -3.76 10.81 -20.82
C VAL A 243 -4.91 11.83 -20.66
N VAL A 244 -5.61 11.80 -19.53
CA VAL A 244 -6.74 12.72 -19.23
C VAL A 244 -6.48 13.50 -17.94
N TRP A 245 -5.97 12.84 -16.90
CA TRP A 245 -5.79 13.43 -15.56
C TRP A 245 -4.33 13.26 -15.18
N GLU A 246 -3.81 14.22 -14.44
CA GLU A 246 -2.48 14.15 -13.81
C GLU A 246 -2.67 14.27 -12.30
N SER A 247 -2.16 13.33 -11.50
CA SER A 247 -2.28 13.42 -10.03
C SER A 247 -1.48 14.63 -9.57
N LEU A 248 -1.98 15.33 -8.56
CA LEU A 248 -1.26 16.39 -7.81
C LEU A 248 -0.98 15.84 -6.40
N HIS A 249 0.19 15.25 -6.19
CA HIS A 249 0.50 14.51 -4.93
C HIS A 249 1.78 15.05 -4.29
N ASN A 250 2.51 15.93 -4.99
CA ASN A 250 3.72 16.58 -4.45
C ASN A 250 3.81 18.02 -5.01
N VAL A 251 4.59 18.85 -4.30
CA VAL A 251 4.88 20.26 -4.66
C VAL A 251 5.78 20.28 -5.91
N ASP A 252 6.81 19.44 -5.97
CA ASP A 252 7.87 19.46 -7.01
C ASP A 252 7.79 18.16 -7.82
N GLY A 253 8.16 18.21 -9.10
CA GLY A 253 8.23 17.03 -9.99
C GLY A 253 6.88 16.71 -10.61
N ASP A 254 6.84 15.74 -11.52
CA ASP A 254 5.65 15.41 -12.35
C ASP A 254 4.71 14.53 -11.51
N GLY A 255 3.40 14.64 -11.76
CA GLY A 255 2.40 13.70 -11.23
C GLY A 255 2.32 12.46 -12.11
N ASN A 256 1.39 11.57 -11.79
CA ASN A 256 1.12 10.35 -12.58
C ASN A 256 0.03 10.70 -13.59
N PHE A 257 0.27 10.38 -14.86
CA PHE A 257 -0.72 10.52 -15.96
C PHE A 257 -1.67 9.33 -15.87
N CYS A 258 -2.98 9.60 -15.87
CA CYS A 258 -4.09 8.63 -15.72
C CYS A 258 -5.13 8.84 -16.83
N ASP A 259 -5.91 7.80 -17.12
CA ASP A 259 -6.96 7.82 -18.17
C ASP A 259 -8.18 8.51 -17.56
N SER A 260 -9.28 8.58 -18.30
CA SER A 260 -10.46 9.34 -17.87
C SER A 260 -11.12 8.68 -16.66
N GLU A 261 -10.69 7.46 -16.29
CA GLU A 261 -11.23 6.69 -15.12
C GLU A 261 -10.24 6.70 -13.95
N PHE A 262 -9.19 7.51 -14.05
CA PHE A 262 -8.14 7.69 -13.01
C PHE A 262 -7.29 6.41 -12.85
N HIS A 263 -7.11 5.58 -13.87
CA HIS A 263 -6.14 4.45 -13.83
C HIS A 263 -4.85 4.85 -14.53
N LEU A 264 -3.71 4.47 -13.94
CA LEU A 264 -2.34 4.67 -14.45
C LEU A 264 -2.30 4.28 -15.93
N ARG A 265 -1.93 5.24 -16.78
CA ARG A 265 -1.56 5.04 -18.21
C ARG A 265 -0.46 3.97 -18.21
N PRO A 266 -0.69 2.83 -18.91
CA PRO A 266 0.37 1.82 -19.11
C PRO A 266 1.60 2.42 -19.78
N PRO A 267 2.83 2.06 -19.36
CA PRO A 267 4.04 2.55 -20.04
C PRO A 267 4.25 1.97 -21.45
N MET B 9 -33.04 -7.70 23.21
CA MET B 9 -32.17 -7.30 22.09
C MET B 9 -33.03 -7.15 20.83
N SER B 10 -33.09 -5.93 20.27
CA SER B 10 -33.77 -5.59 18.99
C SER B 10 -32.78 -5.80 17.83
N VAL B 11 -33.36 -6.29 16.75
CA VAL B 11 -32.63 -6.76 15.55
C VAL B 11 -33.10 -5.92 14.36
N TYR B 12 -32.16 -5.46 13.57
CA TYR B 12 -32.42 -4.59 12.41
C TYR B 12 -32.09 -5.42 11.17
N HIS B 13 -32.94 -5.39 10.15
CA HIS B 13 -32.65 -5.95 8.81
C HIS B 13 -31.91 -4.92 7.94
N ILE B 14 -30.86 -5.36 7.26
CA ILE B 14 -29.99 -4.53 6.37
C ILE B 14 -30.44 -4.76 4.92
N LYS B 15 -30.75 -3.68 4.21
CA LYS B 15 -31.04 -3.69 2.76
C LYS B 15 -29.82 -3.14 2.03
N TRP B 16 -29.27 -3.88 1.06
CA TRP B 16 -28.13 -3.42 0.26
C TRP B 16 -28.65 -2.78 -1.04
N ILE B 17 -28.13 -1.60 -1.39
CA ILE B 17 -28.56 -0.84 -2.62
C ILE B 17 -27.31 -0.40 -3.38
N GLN B 18 -27.53 0.07 -4.61
CA GLN B 18 -26.52 0.78 -5.43
C GLN B 18 -26.65 2.28 -5.15
N TRP B 19 -25.66 2.88 -4.50
CA TRP B 19 -25.61 4.30 -4.09
C TRP B 19 -24.35 4.89 -4.69
N LYS B 20 -24.48 5.76 -5.71
CA LYS B 20 -23.34 6.28 -6.49
C LYS B 20 -22.49 5.07 -6.91
N GLU B 21 -23.18 4.03 -7.38
CA GLU B 21 -22.60 2.78 -7.95
C GLU B 21 -21.66 2.10 -6.94
N GLU B 22 -22.01 2.12 -5.65
CA GLU B 22 -21.28 1.34 -4.61
C GLU B 22 -22.32 0.57 -3.81
N ASN B 23 -22.03 -0.70 -3.57
CA ASN B 23 -22.82 -1.57 -2.66
C ASN B 23 -22.84 -0.87 -1.29
N THR B 24 -24.01 -0.38 -0.88
CA THR B 24 -24.17 0.48 0.32
C THR B 24 -25.29 -0.12 1.14
N PRO B 25 -25.08 -0.33 2.46
CA PRO B 25 -26.15 -0.80 3.36
C PRO B 25 -27.06 0.34 3.85
N ILE B 26 -28.32 0.02 4.04
CA ILE B 26 -29.29 0.93 4.69
C ILE B 26 -30.00 0.08 5.74
N ILE B 27 -30.33 0.65 6.90
CA ILE B 27 -31.01 -0.09 7.99
C ILE B 27 -32.51 0.17 7.83
N THR B 28 -33.34 -0.88 7.90
CA THR B 28 -34.80 -0.77 7.77
C THR B 28 -35.42 -0.83 9.17
N GLN B 29 -36.59 -0.24 9.33
CA GLN B 29 -37.28 -0.13 10.63
C GLN B 29 -37.69 -1.49 11.14
N ASN B 30 -37.68 -1.63 12.47
CA ASN B 30 -38.19 -2.84 13.15
C ASN B 30 -39.23 -2.20 14.07
N GLU B 31 -39.62 -2.84 15.16
CA GLU B 31 -40.82 -2.45 15.93
C GLU B 31 -40.67 -1.04 16.50
N ASN B 32 -39.44 -0.53 16.58
CA ASN B 32 -39.14 0.82 17.10
C ASN B 32 -39.53 1.90 16.06
N GLY B 33 -39.68 1.52 14.79
CA GLY B 33 -40.11 2.45 13.74
C GLY B 33 -39.08 3.50 13.40
N PRO B 34 -39.49 4.69 12.91
CA PRO B 34 -38.54 5.71 12.50
C PRO B 34 -37.91 6.49 13.67
N CYS B 35 -37.07 5.80 14.44
CA CYS B 35 -36.40 6.39 15.61
C CYS B 35 -35.17 7.18 15.15
N PRO B 36 -34.65 8.10 15.97
CA PRO B 36 -33.51 8.91 15.59
C PRO B 36 -32.24 8.09 15.30
N LEU B 37 -32.04 7.00 16.02
CA LEU B 37 -30.84 6.15 15.80
C LEU B 37 -30.76 5.74 14.32
N LEU B 38 -31.88 5.29 13.77
CA LEU B 38 -31.99 4.80 12.38
C LEU B 38 -31.64 5.91 11.39
N ALA B 39 -32.23 7.08 11.57
CA ALA B 39 -32.08 8.21 10.63
C ALA B 39 -30.62 8.67 10.69
N ILE B 40 -30.02 8.68 11.87
CA ILE B 40 -28.60 9.07 12.06
C ILE B 40 -27.69 8.01 11.43
N LEU B 41 -27.95 6.71 11.67
CA LEU B 41 -27.08 5.65 11.11
C LEU B 41 -27.13 5.67 9.57
N ASN B 42 -28.32 5.89 8.99
CA ASN B 42 -28.51 5.83 7.52
C ASN B 42 -27.78 7.03 6.89
N VAL B 43 -27.71 8.20 7.54
CA VAL B 43 -26.90 9.34 7.04
C VAL B 43 -25.45 8.84 6.92
N LEU B 44 -24.94 8.18 7.97
CA LEU B 44 -23.50 7.86 8.01
C LEU B 44 -23.21 6.69 7.07
N LEU B 45 -24.12 5.71 6.94
CA LEU B 45 -23.98 4.58 5.99
C LEU B 45 -23.96 5.09 4.54
N LEU B 46 -24.87 6.00 4.19
CA LEU B 46 -24.99 6.58 2.84
C LEU B 46 -23.75 7.44 2.55
N ALA B 47 -23.14 8.05 3.58
CA ALA B 47 -21.94 8.90 3.42
C ALA B 47 -20.68 8.02 3.41
N TRP B 48 -20.82 6.69 3.57
CA TRP B 48 -19.70 5.73 3.68
C TRP B 48 -18.76 6.09 4.85
N LYS B 49 -19.27 6.76 5.88
CA LYS B 49 -18.45 7.15 7.06
C LYS B 49 -18.46 6.02 8.08
N VAL B 50 -19.50 5.20 8.07
CA VAL B 50 -19.58 3.92 8.82
C VAL B 50 -19.83 2.85 7.77
N LYS B 51 -19.16 1.71 7.91
CA LYS B 51 -19.33 0.60 6.93
C LYS B 51 -19.65 -0.68 7.70
N LEU B 52 -20.56 -1.49 7.17
CA LEU B 52 -20.94 -2.77 7.82
C LEU B 52 -20.18 -3.88 7.11
N PRO B 53 -19.94 -5.05 7.75
CA PRO B 53 -19.24 -6.13 7.08
C PRO B 53 -20.08 -6.53 5.85
N PRO B 54 -19.47 -6.76 4.67
CA PRO B 54 -20.22 -7.11 3.46
C PRO B 54 -21.13 -8.33 3.62
N MET B 55 -22.30 -8.24 2.96
CA MET B 55 -23.39 -9.25 2.88
C MET B 55 -24.08 -9.49 4.23
N MET B 56 -23.84 -8.64 5.23
CA MET B 56 -24.51 -8.79 6.56
C MET B 56 -26.01 -8.57 6.31
N GLU B 57 -26.91 -9.36 6.92
CA GLU B 57 -28.32 -9.17 6.57
C GLU B 57 -29.06 -8.70 7.83
N ILE B 58 -28.53 -9.07 9.00
CA ILE B 58 -29.18 -8.69 10.30
C ILE B 58 -28.10 -8.17 11.24
N ILE B 59 -28.52 -7.35 12.18
CA ILE B 59 -27.59 -6.71 13.14
C ILE B 59 -28.43 -6.30 14.35
N THR B 60 -27.85 -6.42 15.54
CA THR B 60 -28.42 -5.98 16.83
C THR B 60 -28.31 -4.47 16.93
N ALA B 61 -29.27 -3.84 17.60
CA ALA B 61 -29.20 -2.43 18.04
C ALA B 61 -27.84 -2.20 18.72
N GLU B 62 -27.47 -3.08 19.66
CA GLU B 62 -26.19 -3.04 20.42
C GLU B 62 -25.00 -2.92 19.45
N GLN B 63 -24.86 -3.79 18.44
CA GLN B 63 -23.71 -3.77 17.48
C GLN B 63 -23.72 -2.47 16.65
N LEU B 64 -24.91 -2.01 16.25
CA LEU B 64 -25.05 -0.74 15.46
C LEU B 64 -24.60 0.41 16.35
N MET B 65 -24.95 0.36 17.63
CA MET B 65 -24.54 1.43 18.58
C MET B 65 -23.04 1.34 18.85
N GLU B 66 -22.41 0.16 18.76
CA GLU B 66 -20.92 0.07 18.89
C GLU B 66 -20.26 0.74 17.68
N TYR B 67 -20.72 0.47 16.45
CA TYR B 67 -20.19 1.12 15.21
C TYR B 67 -20.22 2.64 15.39
N LEU B 68 -21.34 3.13 15.88
CA LEU B 68 -21.60 4.58 16.06
C LEU B 68 -20.67 5.13 17.15
N GLY B 69 -20.51 4.40 18.26
CA GLY B 69 -19.54 4.74 19.32
C GLY B 69 -18.13 4.85 18.74
N ASP B 70 -17.66 3.81 18.06
CA ASP B 70 -16.33 3.73 17.41
C ASP B 70 -16.15 4.99 16.56
N TYR B 71 -17.12 5.33 15.70
CA TYR B 71 -17.05 6.49 14.80
C TYR B 71 -16.91 7.78 15.62
N MET B 72 -17.73 7.92 16.66
CA MET B 72 -17.74 9.13 17.53
C MET B 72 -16.36 9.38 18.18
N LEU B 73 -15.59 8.32 18.45
CA LEU B 73 -14.23 8.39 19.04
C LEU B 73 -13.17 7.92 18.03
N ASP B 74 -12.98 8.68 16.95
CA ASP B 74 -11.81 8.51 16.04
C ASP B 74 -10.54 8.83 16.82
N GLU B 79 -2.31 5.94 21.35
CA GLU B 79 -2.98 6.39 22.61
C GLU B 79 -2.90 5.25 23.64
N ILE B 80 -1.69 4.79 23.95
CA ILE B 80 -1.40 3.61 24.81
C ILE B 80 -1.18 4.04 26.28
N SER B 81 -1.28 5.32 26.63
CA SER B 81 -0.94 5.86 27.97
C SER B 81 -2.06 5.55 28.97
N GLU B 82 -1.72 5.42 30.25
CA GLU B 82 -2.65 4.96 31.34
C GLU B 82 -3.76 6.02 31.53
N ILE B 83 -3.43 7.30 31.37
CA ILE B 83 -4.41 8.41 31.50
C ILE B 83 -5.30 8.37 30.25
N GLN B 84 -4.70 8.12 29.08
CA GLN B 84 -5.40 7.95 27.77
C GLN B 84 -6.31 6.70 27.83
N ARG B 85 -5.83 5.53 28.29
CA ARG B 85 -6.69 4.32 28.43
C ARG B 85 -7.89 4.71 29.30
N LEU B 86 -7.73 5.45 30.41
CA LEU B 86 -8.88 5.81 31.31
C LEU B 86 -9.83 6.82 30.62
N ASN B 87 -9.31 7.89 30.00
CA ASN B 87 -10.13 8.91 29.29
C ASN B 87 -10.99 8.21 28.20
N TYR B 88 -10.41 7.28 27.43
CA TYR B 88 -11.13 6.44 26.42
C TYR B 88 -12.31 5.71 27.07
N GLU B 89 -12.11 4.92 28.16
CA GLU B 89 -13.23 4.15 28.79
C GLU B 89 -14.33 5.13 29.21
N GLN B 90 -13.98 6.30 29.75
CA GLN B 90 -14.97 7.30 30.24
C GLN B 90 -15.74 7.88 29.04
N ASN B 91 -15.03 8.31 28.00
CA ASN B 91 -15.61 8.93 26.78
C ASN B 91 -16.49 7.91 26.03
N MET B 92 -16.07 6.64 25.92
CA MET B 92 -16.89 5.58 25.28
C MET B 92 -18.12 5.31 26.16
N SER B 93 -17.97 5.30 27.47
CA SER B 93 -19.09 5.10 28.40
C SER B 93 -20.10 6.24 28.22
N ASP B 94 -19.63 7.47 28.07
CA ASP B 94 -20.50 8.67 27.89
C ASP B 94 -21.17 8.67 26.50
N ALA B 95 -20.43 8.36 25.43
CA ALA B 95 -21.03 8.19 24.07
C ALA B 95 -22.16 7.15 24.15
N MET B 96 -21.89 5.97 24.73
CA MET B 96 -22.84 4.83 24.70
C MET B 96 -24.10 5.19 25.51
N ALA B 97 -23.98 5.97 26.57
CA ALA B 97 -25.12 6.40 27.40
C ALA B 97 -26.02 7.35 26.59
N ILE B 98 -25.41 8.23 25.77
CA ILE B 98 -26.15 9.12 24.82
C ILE B 98 -26.85 8.24 23.77
N LEU B 99 -26.11 7.36 23.13
CA LEU B 99 -26.60 6.49 22.02
C LEU B 99 -27.82 5.67 22.46
N HIS B 100 -27.77 5.08 23.66
CA HIS B 100 -28.82 4.18 24.23
C HIS B 100 -30.19 4.90 24.30
N LYS B 101 -30.20 6.21 24.57
CA LYS B 101 -31.47 6.98 24.66
C LYS B 101 -32.08 7.22 23.28
N LEU B 102 -31.28 7.08 22.21
CA LEU B 102 -31.77 7.29 20.83
C LEU B 102 -32.47 6.03 20.30
N GLN B 103 -32.35 4.91 21.01
CA GLN B 103 -32.92 3.62 20.55
C GLN B 103 -34.45 3.69 20.42
N THR B 104 -35.12 4.27 21.41
CA THR B 104 -36.60 4.36 21.39
C THR B 104 -37.01 5.67 20.69
N GLY B 105 -36.60 6.81 21.25
CA GLY B 105 -36.96 8.12 20.66
C GLY B 105 -36.80 9.24 21.66
N LEU B 106 -37.09 10.48 21.25
CA LEU B 106 -36.95 11.67 22.13
C LEU B 106 -38.18 12.57 22.00
N ASP B 107 -38.44 13.39 23.02
CA ASP B 107 -39.57 14.36 23.01
C ASP B 107 -39.07 15.64 22.32
N VAL B 108 -38.87 15.57 21.00
CA VAL B 108 -38.35 16.73 20.21
C VAL B 108 -39.44 17.81 20.16
N ASN B 109 -39.05 19.08 20.32
CA ASN B 109 -39.99 20.22 20.32
C ASN B 109 -39.55 21.25 19.28
N VAL B 110 -40.34 21.47 18.24
CA VAL B 110 -39.99 22.48 17.19
C VAL B 110 -40.19 23.91 17.74
N ARG B 111 -39.51 24.90 17.17
CA ARG B 111 -40.04 26.29 17.12
C ARG B 111 -40.49 26.52 15.67
N PHE B 112 -41.44 27.45 15.45
CA PHE B 112 -42.15 27.54 14.15
C PHE B 112 -41.60 28.67 13.30
N THR B 113 -40.39 29.15 13.58
CA THR B 113 -39.80 30.35 12.94
C THR B 113 -38.75 29.95 11.89
N GLY B 114 -38.20 28.74 11.92
CA GLY B 114 -37.16 28.34 10.95
C GLY B 114 -36.93 26.85 10.92
N VAL B 115 -36.45 26.32 9.80
CA VAL B 115 -36.37 24.87 9.54
C VAL B 115 -35.34 24.22 10.47
N ARG B 116 -34.45 24.98 11.09
CA ARG B 116 -33.37 24.41 11.93
C ARG B 116 -33.66 24.66 13.39
N VAL B 117 -34.76 25.34 13.70
CA VAL B 117 -35.02 25.87 15.07
C VAL B 117 -35.88 24.89 15.88
N PHE B 118 -35.26 24.34 16.94
CA PHE B 118 -35.90 23.43 17.92
C PHE B 118 -35.61 23.99 19.32
N GLU B 119 -36.50 23.72 20.26
CA GLU B 119 -36.21 23.84 21.71
C GLU B 119 -35.11 22.81 21.99
N TYR B 120 -33.94 23.28 22.44
CA TYR B 120 -32.77 22.40 22.71
C TYR B 120 -33.22 21.37 23.76
N THR B 121 -33.23 20.08 23.41
CA THR B 121 -33.35 18.92 24.33
C THR B 121 -32.01 18.20 24.40
N PRO B 122 -31.56 17.79 25.61
CA PRO B 122 -30.17 17.42 25.83
C PRO B 122 -29.70 16.24 24.96
N GLU B 123 -30.58 15.29 24.60
CA GLU B 123 -30.13 14.10 23.81
C GLU B 123 -29.67 14.54 22.42
N CYS B 124 -30.14 15.69 21.93
CA CYS B 124 -29.93 16.17 20.54
C CYS B 124 -28.48 16.70 20.42
N ILE B 125 -27.74 16.68 21.53
CA ILE B 125 -26.25 16.77 21.56
C ILE B 125 -25.68 15.90 20.42
N VAL B 126 -26.19 14.68 20.23
CA VAL B 126 -25.64 13.71 19.24
C VAL B 126 -25.48 14.38 17.87
N PHE B 127 -26.45 15.20 17.45
CA PHE B 127 -26.47 15.83 16.10
C PHE B 127 -25.32 16.82 15.95
N ASP B 128 -25.06 17.60 17.00
CA ASP B 128 -23.90 18.53 17.10
C ASP B 128 -22.59 17.72 17.11
N LEU B 129 -22.49 16.65 17.91
CA LEU B 129 -21.25 15.81 17.98
C LEU B 129 -20.97 15.22 16.60
N LEU B 130 -21.99 14.71 15.90
CA LEU B 130 -21.80 14.04 14.59
C LEU B 130 -21.80 15.08 13.45
N ASP B 131 -22.20 16.32 13.71
CA ASP B 131 -22.26 17.36 12.66
C ASP B 131 -23.27 16.95 11.57
N ILE B 132 -24.39 16.34 11.98
CA ILE B 132 -25.53 15.98 11.09
C ILE B 132 -26.63 17.01 11.29
N PRO B 133 -27.05 17.74 10.25
CA PRO B 133 -28.12 18.72 10.44
C PRO B 133 -29.46 17.99 10.70
N LEU B 134 -30.27 18.57 11.61
CA LEU B 134 -31.67 18.18 11.92
C LEU B 134 -32.62 19.30 11.49
N TYR B 135 -33.66 18.98 10.72
CA TYR B 135 -34.60 19.96 10.14
C TYR B 135 -36.04 19.55 10.43
N HIS B 136 -36.93 20.52 10.44
CA HIS B 136 -38.39 20.28 10.34
C HIS B 136 -38.95 21.33 9.36
N GLY B 137 -40.20 21.19 8.96
CA GLY B 137 -40.88 22.16 8.08
C GLY B 137 -42.17 22.62 8.68
N TRP B 138 -42.23 22.72 10.01
CA TRP B 138 -43.46 23.11 10.76
C TRP B 138 -43.40 24.62 11.01
N LEU B 139 -43.68 25.41 9.97
CA LEU B 139 -43.40 26.87 9.94
C LEU B 139 -44.70 27.67 9.85
N VAL B 140 -44.83 28.66 10.73
CA VAL B 140 -45.86 29.74 10.57
C VAL B 140 -45.62 30.43 9.23
N ASP B 141 -46.69 30.69 8.50
CA ASP B 141 -46.62 31.42 7.20
C ASP B 141 -46.41 32.87 7.56
N PRO B 142 -45.26 33.49 7.23
CA PRO B 142 -44.97 34.85 7.67
C PRO B 142 -45.88 35.94 7.08
N GLN B 143 -46.70 35.64 6.07
CA GLN B 143 -47.65 36.60 5.43
C GLN B 143 -48.76 36.97 6.43
N ILE B 144 -49.12 36.07 7.36
CA ILE B 144 -50.31 36.22 8.24
C ILE B 144 -49.88 36.80 9.59
N ASP B 145 -50.08 38.11 9.78
CA ASP B 145 -49.51 38.90 10.91
C ASP B 145 -50.05 38.36 12.25
N ASP B 146 -51.35 38.05 12.33
CA ASP B 146 -52.09 37.48 13.50
C ASP B 146 -51.34 36.27 14.07
N ILE B 147 -51.03 35.31 13.19
CA ILE B 147 -50.45 33.98 13.51
C ILE B 147 -48.99 34.20 13.89
N VAL B 148 -48.26 35.03 13.13
CA VAL B 148 -46.85 35.37 13.45
C VAL B 148 -46.80 35.92 14.89
N LYS B 149 -47.68 36.87 15.22
CA LYS B 149 -47.72 37.50 16.58
C LYS B 149 -48.17 36.47 17.63
N ALA B 150 -49.24 35.71 17.41
CA ALA B 150 -49.79 34.76 18.39
C ALA B 150 -48.72 33.71 18.75
N VAL B 151 -47.96 33.26 17.76
CA VAL B 151 -47.05 32.10 17.91
C VAL B 151 -45.69 32.62 18.35
N GLY B 152 -45.29 33.78 17.87
CA GLY B 152 -43.94 34.35 18.05
C GLY B 152 -42.85 33.29 17.95
N ASN B 153 -41.97 33.24 18.96
CA ASN B 153 -40.76 32.38 19.07
C ASN B 153 -41.08 31.13 19.90
N CYS B 154 -42.33 30.91 20.31
CA CYS B 154 -42.73 29.77 21.18
C CYS B 154 -42.32 28.42 20.55
N SER B 155 -41.81 27.51 21.38
CA SER B 155 -41.67 26.06 21.07
C SER B 155 -43.07 25.47 21.06
N TYR B 156 -43.25 24.29 20.48
CA TYR B 156 -44.57 23.62 20.56
C TYR B 156 -45.03 23.65 22.03
N ASN B 157 -44.15 23.32 22.97
CA ASN B 157 -44.53 23.15 24.39
C ASN B 157 -44.81 24.53 25.01
N GLN B 158 -44.02 25.56 24.68
CA GLN B 158 -44.28 26.96 25.13
C GLN B 158 -45.64 27.40 24.54
N LEU B 159 -45.92 27.02 23.29
CA LEU B 159 -47.17 27.43 22.61
C LEU B 159 -48.37 26.80 23.30
N VAL B 160 -48.37 25.52 23.64
CA VAL B 160 -49.62 24.93 24.21
C VAL B 160 -49.80 25.49 25.63
N GLU B 161 -48.72 25.84 26.34
CA GLU B 161 -48.80 26.51 27.65
C GLU B 161 -49.45 27.90 27.44
N LYS B 162 -49.00 28.65 26.44
CA LYS B 162 -49.55 30.00 26.16
C LYS B 162 -51.06 29.89 25.90
N ILE B 163 -51.51 28.89 25.13
CA ILE B 163 -52.94 28.80 24.75
C ILE B 163 -53.75 28.66 26.03
N ILE B 164 -53.33 27.73 26.89
CA ILE B 164 -53.97 27.41 28.21
C ILE B 164 -54.10 28.69 29.05
N SER B 165 -52.99 29.39 29.28
CA SER B 165 -52.91 30.67 30.05
C SER B 165 -53.82 31.72 29.41
N CYS B 166 -53.60 31.96 28.12
CA CYS B 166 -54.33 32.97 27.30
C CYS B 166 -55.85 32.82 27.44
N LYS B 167 -56.41 31.62 27.25
CA LYS B 167 -57.88 31.42 27.29
C LYS B 167 -58.44 31.74 28.67
N GLN B 168 -57.69 31.48 29.74
CA GLN B 168 -58.14 31.73 31.13
C GLN B 168 -57.98 33.21 31.49
N SER B 169 -57.31 34.01 30.67
CA SER B 169 -57.22 35.46 30.88
C SER B 169 -58.61 36.08 30.61
N ASP B 170 -58.85 37.23 31.21
CA ASP B 170 -60.06 38.03 30.94
C ASP B 170 -59.57 39.25 30.13
N ASN B 171 -58.47 39.09 29.37
CA ASN B 171 -57.92 40.16 28.48
C ASN B 171 -58.17 39.76 27.02
N SER B 172 -58.78 40.66 26.26
CA SER B 172 -59.33 40.37 24.90
C SER B 172 -58.16 40.13 23.92
N GLU B 173 -57.07 40.90 24.03
CA GLU B 173 -55.86 40.73 23.18
C GLU B 173 -55.23 39.36 23.46
N LEU B 174 -55.14 38.95 24.73
CA LEU B 174 -54.49 37.67 25.12
C LEU B 174 -55.41 36.49 24.75
N VAL B 175 -56.72 36.59 24.98
CA VAL B 175 -57.68 35.53 24.59
C VAL B 175 -57.59 35.29 23.07
N SER B 176 -57.52 36.37 22.28
CA SER B 176 -57.43 36.31 20.81
C SER B 176 -56.19 35.51 20.39
N GLU B 177 -55.02 35.84 20.96
CA GLU B 177 -53.71 35.19 20.62
C GLU B 177 -53.80 33.68 20.87
N GLY B 178 -54.45 33.32 21.96
CA GLY B 178 -54.66 31.92 22.39
C GLY B 178 -55.46 31.17 21.36
N PHE B 179 -56.58 31.74 20.92
CA PHE B 179 -57.47 31.10 19.92
C PHE B 179 -56.72 31.03 18.60
N VAL B 180 -55.99 32.08 18.24
CA VAL B 180 -55.25 32.08 16.97
C VAL B 180 -54.19 30.98 17.05
N ALA B 181 -53.45 30.90 18.15
CA ALA B 181 -52.40 29.87 18.31
C ALA B 181 -53.04 28.49 18.17
N GLU B 182 -54.21 28.32 18.77
CA GLU B 182 -54.89 26.99 18.76
C GLU B 182 -55.34 26.64 17.34
N GLN B 183 -55.94 27.59 16.59
CA GLN B 183 -56.32 27.36 15.18
C GLN B 183 -55.07 26.94 14.38
N PHE B 184 -53.93 27.60 14.61
CA PHE B 184 -52.70 27.30 13.83
C PHE B 184 -52.33 25.84 14.08
N LEU B 185 -52.27 25.39 15.33
CA LEU B 185 -51.87 24.02 15.71
C LEU B 185 -52.87 23.02 15.09
N ASN B 186 -54.14 23.39 15.00
CA ASN B 186 -55.19 22.50 14.45
C ASN B 186 -55.09 22.46 12.92
N ASN B 187 -54.86 23.57 12.26
CA ASN B 187 -54.86 23.62 10.78
C ASN B 187 -53.56 23.01 10.23
N THR B 188 -52.49 22.90 11.03
CA THR B 188 -51.15 22.49 10.55
C THR B 188 -50.78 21.19 11.26
N ALA B 189 -51.77 20.44 11.77
CA ALA B 189 -51.58 19.30 12.68
C ALA B 189 -50.74 18.17 12.04
N THR B 190 -50.56 18.12 10.73
CA THR B 190 -49.65 17.12 10.09
C THR B 190 -48.16 17.52 10.21
N GLN B 191 -47.83 18.71 10.76
CA GLN B 191 -46.48 19.18 11.21
C GLN B 191 -45.51 19.48 10.05
N LEU B 192 -46.07 19.79 8.90
CA LEU B 192 -45.34 20.34 7.73
C LEU B 192 -46.27 21.36 7.13
N THR B 193 -45.78 22.53 6.77
CA THR B 193 -46.60 23.55 6.09
C THR B 193 -46.01 23.80 4.71
N TYR B 194 -46.81 24.39 3.82
CA TYR B 194 -46.36 24.84 2.48
C TYR B 194 -45.13 25.74 2.62
N HIS B 195 -45.18 26.74 3.50
CA HIS B 195 -44.02 27.62 3.71
C HIS B 195 -42.84 26.78 4.24
N GLY B 196 -43.09 25.85 5.16
CA GLY B 196 -42.07 24.95 5.71
C GLY B 196 -41.32 24.19 4.63
N LEU B 197 -42.06 23.50 3.76
CA LEU B 197 -41.52 22.75 2.61
C LEU B 197 -40.76 23.68 1.69
N CYS B 198 -41.27 24.87 1.38
CA CYS B 198 -40.55 25.84 0.50
C CYS B 198 -39.22 26.21 1.17
N GLU B 199 -39.21 26.56 2.46
CA GLU B 199 -37.97 26.95 3.18
C GLU B 199 -37.02 25.76 3.22
N LEU B 200 -37.55 24.58 3.48
CA LEU B 200 -36.73 23.35 3.55
C LEU B 200 -36.05 23.08 2.20
N THR B 201 -36.79 23.18 1.09
CA THR B 201 -36.25 22.94 -0.27
C THR B 201 -35.16 23.97 -0.58
N SER B 202 -35.33 25.22 -0.16
CA SER B 202 -34.37 26.33 -0.38
C SER B 202 -33.13 26.13 0.49
N THR B 203 -33.26 25.58 1.71
CA THR B 203 -32.18 25.57 2.73
C THR B 203 -31.24 24.37 2.56
N VAL B 204 -31.77 23.19 2.28
CA VAL B 204 -30.96 21.95 2.15
C VAL B 204 -30.10 22.10 0.89
N GLN B 205 -28.82 21.74 0.96
CA GLN B 205 -27.90 21.84 -0.20
C GLN B 205 -28.05 20.58 -1.05
N GLU B 206 -27.84 20.72 -2.36
CA GLU B 206 -27.70 19.60 -3.30
C GLU B 206 -26.79 18.57 -2.65
N GLY B 207 -27.21 17.31 -2.61
CA GLY B 207 -26.39 16.19 -2.11
C GLY B 207 -26.24 16.17 -0.59
N GLU B 208 -26.75 17.16 0.17
CA GLU B 208 -26.65 17.18 1.66
C GLU B 208 -27.36 15.92 2.21
N LEU B 209 -26.77 15.23 3.18
CA LEU B 209 -27.45 14.14 3.93
C LEU B 209 -27.80 14.66 5.32
N CYS B 210 -29.04 14.50 5.73
CA CYS B 210 -29.55 15.15 6.95
C CYS B 210 -30.75 14.37 7.48
N VAL B 211 -31.26 14.84 8.60
CA VAL B 211 -32.39 14.19 9.30
C VAL B 211 -33.56 15.16 9.31
N PHE B 212 -34.75 14.63 9.05
CA PHE B 212 -36.00 15.40 8.94
C PHE B 212 -36.98 14.91 10.01
N PHE B 213 -37.47 15.85 10.85
CA PHE B 213 -38.41 15.59 11.96
C PHE B 213 -39.83 15.96 11.54
N ARG B 214 -40.79 15.05 11.80
CA ARG B 214 -42.22 15.30 11.56
C ARG B 214 -43.05 14.25 12.33
N ASN B 215 -43.96 14.68 13.21
CA ASN B 215 -44.95 13.79 13.88
C ASN B 215 -44.23 12.72 14.69
N ASN B 216 -43.22 13.12 15.46
CA ASN B 216 -42.27 12.27 16.24
C ASN B 216 -41.60 11.17 15.41
N HIS B 217 -41.40 11.36 14.10
CA HIS B 217 -40.62 10.45 13.21
C HIS B 217 -39.36 11.19 12.74
N PHE B 218 -38.26 10.48 12.68
CA PHE B 218 -36.96 10.95 12.13
C PHE B 218 -36.74 10.18 10.83
N SER B 219 -36.49 10.91 9.76
CA SER B 219 -36.25 10.36 8.40
C SER B 219 -34.86 10.78 7.96
N THR B 220 -34.21 9.98 7.13
CA THR B 220 -32.98 10.40 6.41
C THR B 220 -33.45 11.17 5.18
N MET B 221 -32.92 12.38 4.97
CA MET B 221 -33.37 13.28 3.88
C MET B 221 -32.18 13.69 3.02
N THR B 222 -32.39 13.85 1.72
CA THR B 222 -31.40 14.49 0.83
C THR B 222 -32.11 15.37 -0.19
N LYS B 223 -31.34 16.11 -0.96
CA LYS B 223 -31.86 16.93 -2.06
C LYS B 223 -31.16 16.47 -3.33
N TYR B 224 -31.93 16.08 -4.33
CA TYR B 224 -31.41 15.67 -5.66
C TYR B 224 -32.11 16.48 -6.76
N LYS B 225 -31.29 17.28 -7.48
CA LYS B 225 -31.72 18.25 -8.52
C LYS B 225 -32.84 19.13 -7.99
N GLY B 226 -32.64 19.74 -6.82
CA GLY B 226 -33.61 20.71 -6.29
C GLY B 226 -34.76 20.06 -5.52
N GLN B 227 -34.92 18.74 -5.55
CA GLN B 227 -36.10 18.02 -4.95
C GLN B 227 -35.67 17.32 -3.64
N LEU B 228 -36.46 17.45 -2.57
CA LEU B 228 -36.24 16.72 -1.30
C LEU B 228 -36.80 15.32 -1.48
N TYR B 229 -36.10 14.36 -0.90
CA TYR B 229 -36.48 12.93 -0.81
C TYR B 229 -36.19 12.40 0.59
N LEU B 230 -37.02 11.47 1.05
CA LEU B 230 -36.86 10.75 2.32
C LEU B 230 -36.46 9.33 1.96
N LEU B 231 -35.45 8.81 2.65
CA LEU B 231 -35.01 7.40 2.44
C LEU B 231 -36.16 6.50 2.90
N VAL B 232 -36.47 5.46 2.13
CA VAL B 232 -37.59 4.54 2.51
C VAL B 232 -37.03 3.45 3.43
N THR B 233 -37.44 3.47 4.71
CA THR B 233 -36.98 2.46 5.71
C THR B 233 -38.14 1.54 6.10
N ASP B 234 -39.28 1.65 5.43
CA ASP B 234 -40.47 0.80 5.75
C ASP B 234 -40.09 -0.67 5.61
N GLN B 235 -40.48 -1.49 6.59
CA GLN B 235 -40.18 -2.97 6.61
C GLN B 235 -40.78 -3.62 5.35
N GLY B 236 -41.96 -3.17 4.95
CA GLY B 236 -42.65 -3.69 3.76
C GLY B 236 -41.76 -3.70 2.53
N PHE B 237 -40.75 -2.82 2.47
CA PHE B 237 -39.96 -2.58 1.23
C PHE B 237 -38.58 -3.23 1.32
N LEU B 238 -38.32 -4.05 2.36
CA LEU B 238 -37.00 -4.70 2.60
C LEU B 238 -36.44 -5.34 1.31
N THR B 239 -37.27 -6.05 0.53
CA THR B 239 -36.84 -6.79 -0.70
C THR B 239 -37.23 -6.07 -2.00
N GLU B 240 -37.84 -4.88 -1.93
CA GLU B 240 -38.15 -4.03 -3.11
C GLU B 240 -36.90 -3.21 -3.48
N GLU B 241 -36.11 -3.75 -4.40
CA GLU B 241 -34.88 -3.14 -4.96
C GLU B 241 -35.15 -1.74 -5.51
N LYS B 242 -36.35 -1.49 -6.03
CA LYS B 242 -36.57 -0.24 -6.80
C LYS B 242 -37.21 0.81 -5.88
N VAL B 243 -37.43 0.50 -4.59
CA VAL B 243 -38.09 1.46 -3.66
C VAL B 243 -37.03 1.88 -2.65
N VAL B 244 -36.39 3.03 -2.87
CA VAL B 244 -35.31 3.54 -1.98
C VAL B 244 -35.67 4.94 -1.46
N TRP B 245 -36.04 5.85 -2.35
CA TRP B 245 -36.34 7.26 -2.00
C TRP B 245 -37.82 7.53 -2.22
N GLU B 246 -38.39 8.40 -1.40
CA GLU B 246 -39.77 8.93 -1.59
C GLU B 246 -39.70 10.45 -1.68
N SER B 247 -40.22 11.06 -2.76
CA SER B 247 -40.22 12.53 -2.93
C SER B 247 -41.06 13.15 -1.79
N LEU B 248 -40.57 14.24 -1.23
CA LEU B 248 -41.32 15.10 -0.30
C LEU B 248 -41.65 16.38 -1.09
N HIS B 249 -42.72 16.36 -1.88
CA HIS B 249 -43.04 17.38 -2.92
C HIS B 249 -44.24 18.22 -2.49
N ASN B 250 -45.01 17.75 -1.51
CA ASN B 250 -46.11 18.56 -0.93
C ASN B 250 -46.43 18.09 0.49
N VAL B 251 -47.40 18.75 1.09
CA VAL B 251 -47.65 18.72 2.55
C VAL B 251 -48.42 17.43 2.90
N ASP B 252 -49.38 17.04 2.06
CA ASP B 252 -50.31 15.90 2.30
C ASP B 252 -50.14 14.89 1.16
N GLY B 253 -50.45 13.62 1.41
CA GLY B 253 -50.49 12.57 0.38
C GLY B 253 -49.20 11.77 0.30
N ASP B 254 -49.20 10.70 -0.50
CA ASP B 254 -47.98 9.91 -0.83
C ASP B 254 -47.10 10.78 -1.74
N GLY B 255 -45.78 10.69 -1.58
CA GLY B 255 -44.79 11.10 -2.60
C GLY B 255 -44.64 10.04 -3.68
N ASN B 256 -43.72 10.24 -4.61
CA ASN B 256 -43.37 9.22 -5.61
C ASN B 256 -42.23 8.40 -5.02
N PHE B 257 -42.37 7.08 -5.14
CA PHE B 257 -41.31 6.09 -4.85
C PHE B 257 -40.36 6.02 -6.05
N CYS B 258 -39.07 6.19 -5.80
CA CYS B 258 -37.97 6.10 -6.78
C CYS B 258 -36.92 5.10 -6.30
N ASP B 259 -36.07 4.68 -7.22
CA ASP B 259 -34.94 3.75 -7.03
C ASP B 259 -33.78 4.55 -6.46
N SER B 260 -32.65 3.91 -6.22
CA SER B 260 -31.48 4.51 -5.53
C SER B 260 -30.88 5.59 -6.44
N GLU B 261 -31.33 5.70 -7.69
CA GLU B 261 -30.83 6.72 -8.66
C GLU B 261 -31.88 7.82 -8.87
N PHE B 262 -32.97 7.80 -8.09
CA PHE B 262 -34.07 8.79 -8.05
C PHE B 262 -34.97 8.72 -9.29
N HIS B 263 -34.94 7.65 -10.06
CA HIS B 263 -35.89 7.41 -11.17
C HIS B 263 -37.18 6.85 -10.58
N LEU B 264 -38.34 7.24 -11.11
CA LEU B 264 -39.68 6.69 -10.75
C LEU B 264 -39.69 5.16 -10.89
N ARG B 265 -40.20 4.48 -9.86
CA ARG B 265 -40.44 3.01 -9.80
C ARG B 265 -41.63 2.72 -10.72
N PRO B 266 -41.53 1.76 -11.66
CA PRO B 266 -42.58 1.52 -12.66
C PRO B 266 -43.89 0.97 -12.09
N PRO C 6 9.32 -25.64 11.31
CA PRO C 6 8.39 -25.10 12.34
C PRO C 6 7.08 -24.51 11.78
N GLU C 7 6.23 -25.33 11.13
CA GLU C 7 5.05 -24.90 10.33
C GLU C 7 3.86 -24.59 11.24
N PHE C 8 3.71 -25.32 12.36
CA PHE C 8 2.86 -24.95 13.52
C PHE C 8 3.20 -23.51 13.93
N MET C 9 4.50 -23.18 13.89
CA MET C 9 5.13 -21.96 14.49
C MET C 9 5.21 -20.79 13.50
N SER C 10 5.06 -20.98 12.18
CA SER C 10 4.96 -19.87 11.21
C SER C 10 3.52 -19.33 11.27
N VAL C 11 3.32 -18.10 11.73
CA VAL C 11 1.98 -17.45 11.79
C VAL C 11 1.92 -16.30 10.79
N TYR C 12 0.85 -16.19 10.03
CA TYR C 12 0.60 -15.15 9.00
C TYR C 12 -0.67 -14.37 9.36
N HIS C 13 -0.61 -13.04 9.22
CA HIS C 13 -1.78 -12.13 9.33
C HIS C 13 -2.48 -12.04 7.98
N ILE C 14 -3.81 -12.19 8.00
CA ILE C 14 -4.67 -12.11 6.80
C ILE C 14 -5.15 -10.66 6.67
N LYS C 15 -5.18 -10.14 5.46
CA LYS C 15 -5.75 -8.79 5.17
C LYS C 15 -6.95 -8.97 4.26
N TRP C 16 -8.08 -8.40 4.64
CA TRP C 16 -9.32 -8.55 3.86
C TRP C 16 -9.42 -7.35 2.94
N ILE C 17 -9.56 -7.59 1.65
CA ILE C 17 -9.65 -6.48 0.66
C ILE C 17 -10.99 -6.60 -0.09
N GLN C 18 -11.33 -5.56 -0.85
CA GLN C 18 -12.47 -5.62 -1.80
C GLN C 18 -11.90 -5.91 -3.19
N TRP C 19 -12.01 -7.15 -3.65
CA TRP C 19 -11.42 -7.58 -4.95
C TRP C 19 -12.58 -7.87 -5.91
N LYS C 20 -12.68 -7.08 -6.98
CA LYS C 20 -13.86 -7.12 -7.89
C LYS C 20 -15.13 -7.11 -7.02
N GLU C 21 -15.24 -6.14 -6.10
CA GLU C 21 -16.40 -5.92 -5.17
C GLU C 21 -16.76 -7.19 -4.39
N GLU C 22 -15.78 -8.06 -4.10
CA GLU C 22 -15.96 -9.25 -3.21
C GLU C 22 -14.96 -9.15 -2.06
N ASN C 23 -15.43 -9.44 -0.85
CA ASN C 23 -14.61 -9.56 0.39
C ASN C 23 -13.65 -10.73 0.16
N THR C 24 -12.38 -10.44 -0.09
CA THR C 24 -11.36 -11.45 -0.45
C THR C 24 -10.20 -11.34 0.53
N PRO C 25 -9.65 -12.46 1.04
CA PRO C 25 -8.46 -12.41 1.89
C PRO C 25 -7.14 -12.55 1.13
N ILE C 26 -6.10 -11.95 1.69
CA ILE C 26 -4.70 -11.96 1.18
C ILE C 26 -3.82 -12.27 2.39
N ILE C 27 -2.73 -13.02 2.19
CA ILE C 27 -1.77 -13.38 3.28
C ILE C 27 -0.62 -12.38 3.22
N THR C 28 -0.32 -11.71 4.33
CA THR C 28 0.83 -10.77 4.45
C THR C 28 2.06 -11.55 4.90
N GLN C 29 3.27 -11.08 4.61
CA GLN C 29 4.50 -11.84 4.98
C GLN C 29 4.78 -11.59 6.48
N ASN C 30 5.41 -12.53 7.17
CA ASN C 30 5.83 -12.35 8.60
C ASN C 30 7.37 -12.24 8.52
N GLU C 31 8.10 -12.55 9.61
CA GLU C 31 9.61 -12.54 9.67
C GLU C 31 10.21 -13.21 8.43
N ASN C 32 9.62 -14.32 8.00
CA ASN C 32 9.79 -14.92 6.64
C ASN C 32 9.14 -13.98 5.60
N GLY C 33 9.76 -13.84 4.41
CA GLY C 33 9.45 -12.80 3.41
C GLY C 33 8.57 -13.28 2.26
N PRO C 34 8.86 -12.89 0.99
CA PRO C 34 8.10 -13.37 -0.16
C PRO C 34 8.49 -14.81 -0.56
N CYS C 35 8.14 -15.75 0.33
CA CYS C 35 8.43 -17.19 0.11
C CYS C 35 7.46 -17.71 -0.93
N PRO C 36 7.89 -18.69 -1.74
CA PRO C 36 7.00 -19.27 -2.75
C PRO C 36 5.56 -19.50 -2.26
N LEU C 37 5.37 -19.88 -0.99
CA LEU C 37 4.06 -20.38 -0.53
C LEU C 37 3.05 -19.21 -0.55
N LEU C 38 3.44 -18.02 -0.08
CA LEU C 38 2.55 -16.83 -0.07
C LEU C 38 2.16 -16.43 -1.50
N ALA C 39 3.09 -16.37 -2.44
CA ALA C 39 2.80 -15.94 -3.83
C ALA C 39 1.74 -16.89 -4.42
N ILE C 40 1.85 -18.19 -4.14
CA ILE C 40 1.00 -19.26 -4.70
C ILE C 40 -0.38 -19.15 -4.06
N LEU C 41 -0.40 -19.07 -2.72
CA LEU C 41 -1.71 -18.96 -2.04
C LEU C 41 -2.46 -17.68 -2.42
N ASN C 42 -1.76 -16.54 -2.55
CA ASN C 42 -2.41 -15.25 -2.88
C ASN C 42 -3.00 -15.34 -4.29
N VAL C 43 -2.33 -16.03 -5.24
CA VAL C 43 -2.94 -16.34 -6.56
C VAL C 43 -4.28 -17.06 -6.32
N LEU C 44 -4.31 -18.11 -5.51
CA LEU C 44 -5.53 -18.97 -5.37
C LEU C 44 -6.63 -18.22 -4.60
N LEU C 45 -6.28 -17.42 -3.57
CA LEU C 45 -7.24 -16.59 -2.78
C LEU C 45 -7.85 -15.52 -3.69
N LEU C 46 -7.04 -14.84 -4.50
CA LEU C 46 -7.54 -13.78 -5.42
C LEU C 46 -8.41 -14.38 -6.53
N ALA C 47 -8.18 -15.64 -6.94
CA ALA C 47 -8.98 -16.34 -7.95
C ALA C 47 -10.24 -16.94 -7.30
N TRP C 48 -10.38 -16.87 -5.98
CA TRP C 48 -11.49 -17.49 -5.19
C TRP C 48 -11.49 -19.02 -5.39
N LYS C 49 -10.34 -19.62 -5.69
CA LYS C 49 -10.19 -21.10 -5.78
C LYS C 49 -9.93 -21.67 -4.38
N VAL C 50 -9.37 -20.87 -3.46
CA VAL C 50 -9.33 -21.20 -2.00
C VAL C 50 -10.11 -20.11 -1.27
N LYS C 51 -10.95 -20.52 -0.32
CA LYS C 51 -11.78 -19.60 0.51
C LYS C 51 -11.45 -19.87 1.99
N LEU C 52 -11.34 -18.78 2.75
CA LEU C 52 -11.05 -18.84 4.21
C LEU C 52 -12.28 -18.37 4.98
N PRO C 53 -12.42 -18.68 6.28
CA PRO C 53 -13.54 -18.21 7.08
C PRO C 53 -13.48 -16.67 7.13
N PRO C 54 -14.62 -15.96 7.06
CA PRO C 54 -14.63 -14.50 7.03
C PRO C 54 -14.00 -13.80 8.25
N MET C 55 -14.18 -14.36 9.44
CA MET C 55 -13.64 -13.72 10.67
C MET C 55 -12.12 -13.88 10.77
N MET C 56 -11.54 -14.93 10.19
CA MET C 56 -10.09 -15.24 10.32
C MET C 56 -9.21 -14.01 10.07
N GLU C 57 -8.21 -13.84 10.96
CA GLU C 57 -7.22 -12.73 10.93
C GLU C 57 -5.80 -13.31 10.98
N ILE C 58 -5.67 -14.54 11.49
CA ILE C 58 -4.34 -15.22 11.63
C ILE C 58 -4.51 -16.65 11.18
N ILE C 59 -3.40 -17.23 10.69
CA ILE C 59 -3.36 -18.59 10.13
C ILE C 59 -1.90 -19.09 10.21
N THR C 60 -1.73 -20.38 10.47
CA THR C 60 -0.39 -21.05 10.54
C THR C 60 -0.04 -21.52 9.14
N ALA C 61 1.26 -21.63 8.82
CA ALA C 61 1.74 -22.21 7.56
C ALA C 61 1.04 -23.57 7.39
N GLU C 62 0.97 -24.37 8.45
CA GLU C 62 0.36 -25.73 8.45
C GLU C 62 -1.08 -25.62 7.96
N GLN C 63 -1.86 -24.69 8.50
CA GLN C 63 -3.27 -24.46 8.08
C GLN C 63 -3.27 -24.10 6.58
N LEU C 64 -2.34 -23.25 6.14
CA LEU C 64 -2.28 -22.85 4.70
C LEU C 64 -2.01 -24.09 3.84
N MET C 65 -1.11 -24.98 4.26
CA MET C 65 -0.75 -26.19 3.48
C MET C 65 -1.97 -27.11 3.38
N GLU C 66 -2.81 -27.19 4.42
CA GLU C 66 -4.05 -28.02 4.45
C GLU C 66 -5.06 -27.44 3.46
N TYR C 67 -5.16 -26.11 3.39
CA TYR C 67 -6.10 -25.45 2.45
C TYR C 67 -5.61 -25.77 1.04
N LEU C 68 -4.31 -25.76 0.82
CA LEU C 68 -3.71 -25.99 -0.52
C LEU C 68 -3.95 -27.46 -0.93
N GLY C 69 -3.69 -28.38 -0.01
CA GLY C 69 -3.97 -29.82 -0.18
C GLY C 69 -5.41 -30.05 -0.56
N ASP C 70 -6.35 -29.46 0.18
CA ASP C 70 -7.83 -29.50 -0.06
C ASP C 70 -8.14 -29.05 -1.49
N TYR C 71 -7.47 -27.98 -1.96
CA TYR C 71 -7.66 -27.39 -3.30
C TYR C 71 -7.25 -28.40 -4.37
N MET C 72 -6.15 -29.12 -4.12
CA MET C 72 -5.60 -30.10 -5.09
C MET C 72 -6.56 -31.29 -5.21
N LEU C 73 -7.06 -31.76 -4.07
CA LEU C 73 -8.02 -32.90 -4.03
C LEU C 73 -9.30 -32.53 -4.80
N ASP C 74 -9.84 -31.32 -4.55
CA ASP C 74 -11.10 -30.81 -5.15
C ASP C 74 -10.96 -30.61 -6.68
N ALA C 75 -9.73 -30.41 -7.17
CA ALA C 75 -9.50 -30.20 -8.62
C ALA C 75 -9.10 -31.52 -9.28
N LYS C 76 -9.57 -32.65 -8.73
CA LYS C 76 -9.24 -34.00 -9.26
C LYS C 76 -9.80 -34.12 -10.68
N PRO C 77 -11.00 -33.60 -10.97
CA PRO C 77 -11.61 -33.69 -12.32
C PRO C 77 -11.54 -35.10 -12.92
N ILE C 83 -9.63 -41.79 -15.70
CA ILE C 83 -9.30 -42.55 -14.45
C ILE C 83 -7.83 -43.03 -14.49
N GLN C 84 -6.94 -42.28 -15.15
CA GLN C 84 -5.47 -42.57 -15.25
C GLN C 84 -4.87 -42.55 -13.84
N ARG C 85 -4.80 -41.40 -13.18
CA ARG C 85 -4.21 -41.42 -11.81
C ARG C 85 -5.16 -40.72 -10.84
N LEU C 86 -6.10 -41.48 -10.28
CA LEU C 86 -7.19 -40.85 -9.49
C LEU C 86 -7.44 -41.52 -8.13
N ASN C 87 -6.83 -42.68 -7.84
CA ASN C 87 -7.00 -43.25 -6.48
C ASN C 87 -6.35 -42.26 -5.50
N TYR C 88 -5.16 -41.81 -5.87
CA TYR C 88 -4.32 -40.75 -5.25
C TYR C 88 -3.64 -40.00 -6.41
N GLU C 89 -3.27 -38.74 -6.23
CA GLU C 89 -2.58 -38.06 -7.35
C GLU C 89 -1.08 -38.07 -7.05
N GLN C 90 -0.26 -38.75 -7.87
CA GLN C 90 1.18 -38.72 -7.49
C GLN C 90 1.69 -37.28 -7.56
N ASN C 91 1.29 -36.54 -8.60
CA ASN C 91 1.72 -35.13 -8.79
C ASN C 91 1.32 -34.32 -7.55
N MET C 92 0.07 -34.47 -7.12
CA MET C 92 -0.46 -33.80 -5.89
C MET C 92 0.53 -34.00 -4.72
N SER C 93 1.00 -35.23 -4.49
CA SER C 93 1.95 -35.57 -3.41
C SER C 93 3.33 -34.94 -3.69
N ASP C 94 3.79 -34.96 -4.94
CA ASP C 94 5.12 -34.41 -5.33
C ASP C 94 5.14 -32.90 -5.11
N ALA C 95 4.02 -32.25 -5.45
CA ALA C 95 3.82 -30.79 -5.32
C ALA C 95 3.87 -30.39 -3.85
N MET C 96 3.20 -31.15 -2.97
CA MET C 96 3.16 -30.87 -1.50
C MET C 96 4.58 -31.00 -0.94
N ALA C 97 5.27 -32.11 -1.24
CA ALA C 97 6.66 -32.31 -0.76
C ALA C 97 7.50 -31.11 -1.20
N ILE C 98 7.41 -30.70 -2.46
CA ILE C 98 8.23 -29.54 -2.96
C ILE C 98 7.81 -28.26 -2.23
N LEU C 99 6.51 -28.07 -1.98
CA LEU C 99 6.02 -26.84 -1.30
C LEU C 99 6.63 -26.78 0.09
N HIS C 100 6.70 -27.94 0.79
CA HIS C 100 7.32 -28.04 2.13
C HIS C 100 8.82 -27.65 2.02
N LYS C 101 9.53 -28.04 0.95
CA LYS C 101 10.99 -27.74 0.77
C LYS C 101 11.17 -26.27 0.41
N LEU C 102 10.42 -25.77 -0.58
CA LEU C 102 10.52 -24.40 -1.18
C LEU C 102 10.21 -23.33 -0.12
N GLN C 103 9.23 -23.57 0.77
CA GLN C 103 8.79 -22.64 1.87
C GLN C 103 9.96 -22.34 2.82
N THR C 104 11.06 -23.10 2.71
CA THR C 104 12.34 -22.92 3.47
C THR C 104 13.35 -22.12 2.64
N GLY C 105 12.97 -21.63 1.44
CA GLY C 105 13.84 -20.87 0.54
C GLY C 105 14.02 -21.56 -0.80
N LEU C 106 13.70 -20.86 -1.89
CA LEU C 106 13.77 -21.38 -3.29
C LEU C 106 15.23 -21.33 -3.77
N ASP C 107 15.66 -22.37 -4.50
CA ASP C 107 16.83 -22.37 -5.41
C ASP C 107 16.24 -22.50 -6.83
N VAL C 108 15.65 -21.39 -7.31
CA VAL C 108 15.02 -21.27 -8.66
C VAL C 108 16.03 -20.55 -9.56
N ASN C 109 16.15 -21.02 -10.79
CA ASN C 109 17.31 -20.77 -11.67
C ASN C 109 16.76 -20.35 -13.04
N VAL C 110 16.77 -19.05 -13.32
CA VAL C 110 16.23 -18.48 -14.60
C VAL C 110 17.17 -18.88 -15.74
N ARG C 111 16.63 -18.87 -16.96
CA ARG C 111 17.40 -18.65 -18.20
C ARG C 111 17.08 -17.24 -18.70
N PHE C 112 17.96 -16.63 -19.49
CA PHE C 112 17.92 -15.18 -19.85
C PHE C 112 17.22 -14.89 -21.20
N THR C 113 16.51 -15.85 -21.77
CA THR C 113 16.06 -15.83 -23.18
C THR C 113 14.56 -15.66 -23.29
N GLY C 114 13.81 -15.81 -22.19
CA GLY C 114 12.34 -15.64 -22.22
C GLY C 114 11.77 -15.53 -20.82
N VAL C 115 10.65 -14.82 -20.69
CA VAL C 115 9.98 -14.51 -19.40
C VAL C 115 9.52 -15.81 -18.71
N ARG C 116 9.22 -16.89 -19.45
CA ARG C 116 8.71 -18.17 -18.85
C ARG C 116 9.82 -19.23 -18.80
N VAL C 117 11.07 -18.88 -19.12
CA VAL C 117 12.15 -19.89 -19.30
C VAL C 117 12.96 -19.97 -18.00
N PHE C 118 12.90 -21.11 -17.34
CA PHE C 118 13.69 -21.48 -16.14
C PHE C 118 14.28 -22.85 -16.37
N GLU C 119 15.36 -23.17 -15.68
CA GLU C 119 15.93 -24.54 -15.67
C GLU C 119 14.81 -25.51 -15.26
N TYR C 120 14.71 -26.63 -15.95
CA TYR C 120 13.73 -27.71 -15.66
C TYR C 120 14.17 -28.41 -14.35
N THR C 121 13.56 -28.00 -13.23
CA THR C 121 13.81 -28.48 -11.84
C THR C 121 12.47 -28.58 -11.14
N PRO C 122 12.31 -29.44 -10.10
CA PRO C 122 11.03 -29.57 -9.40
C PRO C 122 10.59 -28.25 -8.75
N GLU C 123 11.51 -27.44 -8.25
CA GLU C 123 11.21 -26.09 -7.69
C GLU C 123 10.34 -25.31 -8.70
N CYS C 124 10.56 -25.52 -10.00
CA CYS C 124 9.88 -24.79 -11.10
C CYS C 124 8.66 -25.56 -11.62
N ILE C 125 8.75 -26.88 -11.72
CA ILE C 125 7.68 -27.82 -12.16
C ILE C 125 6.47 -27.76 -11.21
N VAL C 126 6.62 -27.36 -9.93
CA VAL C 126 5.43 -27.29 -9.01
C VAL C 126 4.38 -26.34 -9.61
N PHE C 127 4.84 -25.18 -10.08
CA PHE C 127 3.97 -24.11 -10.62
C PHE C 127 3.11 -24.67 -11.74
N ASP C 128 3.70 -25.54 -12.57
CA ASP C 128 3.03 -26.17 -13.74
C ASP C 128 2.03 -27.23 -13.24
N LEU C 129 2.35 -27.98 -12.18
CA LEU C 129 1.41 -28.99 -11.61
C LEU C 129 0.21 -28.29 -10.96
N LEU C 130 0.38 -27.08 -10.41
CA LEU C 130 -0.72 -26.31 -9.75
C LEU C 130 -1.47 -25.44 -10.78
N ASP C 131 -0.97 -25.37 -12.01
CA ASP C 131 -1.54 -24.54 -13.10
C ASP C 131 -1.43 -23.05 -12.71
N ILE C 132 -0.27 -22.64 -12.21
CA ILE C 132 -0.02 -21.24 -11.85
C ILE C 132 1.16 -20.82 -12.68
N PRO C 133 1.00 -19.82 -13.57
CA PRO C 133 2.11 -19.41 -14.41
C PRO C 133 3.19 -18.74 -13.56
N LEU C 134 4.45 -18.96 -13.93
CA LEU C 134 5.64 -18.40 -13.27
C LEU C 134 6.44 -17.63 -14.32
N TYR C 135 6.78 -16.38 -14.05
CA TYR C 135 7.43 -15.45 -14.99
C TYR C 135 8.65 -14.87 -14.30
N HIS C 136 9.64 -14.49 -15.07
CA HIS C 136 10.67 -13.54 -14.59
C HIS C 136 10.92 -12.55 -15.72
N GLY C 137 11.65 -11.47 -15.42
CA GLY C 137 11.97 -10.42 -16.40
C GLY C 137 13.48 -10.22 -16.51
N TRP C 138 14.27 -11.18 -16.05
CA TRP C 138 15.76 -11.13 -16.17
C TRP C 138 16.19 -11.59 -17.58
N LEU C 139 16.02 -10.70 -18.57
CA LEU C 139 16.26 -10.99 -20.01
C LEU C 139 17.48 -10.22 -20.54
N VAL C 140 18.34 -10.92 -21.26
CA VAL C 140 19.42 -10.33 -22.11
C VAL C 140 18.74 -9.54 -23.25
N ASP C 141 19.36 -8.43 -23.66
CA ASP C 141 18.91 -7.54 -24.75
C ASP C 141 19.42 -8.07 -26.10
N PRO C 142 18.55 -8.56 -27.03
CA PRO C 142 19.01 -9.00 -28.35
C PRO C 142 19.90 -8.03 -29.17
N GLN C 143 19.69 -6.72 -29.01
CA GLN C 143 20.42 -5.66 -29.77
C GLN C 143 21.92 -5.98 -29.80
N ILE C 144 22.52 -6.30 -28.65
CA ILE C 144 23.99 -6.57 -28.54
C ILE C 144 24.25 -8.02 -28.94
N ASP C 145 24.62 -8.24 -30.22
CA ASP C 145 25.10 -9.55 -30.76
C ASP C 145 26.01 -10.21 -29.72
N ASP C 146 26.83 -9.38 -29.03
CA ASP C 146 27.79 -9.77 -27.96
C ASP C 146 27.04 -10.47 -26.80
N ILE C 147 26.16 -9.77 -26.08
CA ILE C 147 25.52 -10.29 -24.84
C ILE C 147 24.78 -11.59 -25.19
N VAL C 148 24.02 -11.59 -26.28
CA VAL C 148 23.21 -12.78 -26.69
C VAL C 148 24.11 -13.98 -26.86
N LYS C 149 25.25 -13.81 -27.53
CA LYS C 149 26.19 -14.93 -27.77
C LYS C 149 26.91 -15.29 -26.47
N ALA C 150 27.39 -14.32 -25.70
CA ALA C 150 28.19 -14.52 -24.46
C ALA C 150 27.35 -15.23 -23.39
N VAL C 151 26.05 -14.98 -23.35
CA VAL C 151 25.10 -15.61 -22.39
C VAL C 151 24.59 -16.93 -22.99
N GLY C 152 24.17 -16.91 -24.27
CA GLY C 152 23.55 -18.07 -24.93
C GLY C 152 22.37 -18.57 -24.10
N ASN C 153 22.21 -19.89 -24.03
CA ASN C 153 21.06 -20.58 -23.38
C ASN C 153 21.39 -20.92 -21.93
N CYS C 154 22.46 -20.35 -21.36
CA CYS C 154 22.93 -20.62 -19.97
C CYS C 154 21.88 -20.16 -18.94
N SER C 155 21.62 -21.03 -17.97
CA SER C 155 20.97 -20.69 -16.67
C SER C 155 21.91 -19.79 -15.87
N TYR C 156 21.38 -19.03 -14.91
CA TYR C 156 22.20 -18.19 -14.00
C TYR C 156 23.39 -19.01 -13.49
N ASN C 157 23.17 -20.26 -13.11
CA ASN C 157 24.23 -21.15 -12.53
C ASN C 157 25.25 -21.49 -13.63
N GLN C 158 24.80 -21.96 -14.79
CA GLN C 158 25.70 -22.30 -15.93
C GLN C 158 26.55 -21.08 -16.28
N LEU C 159 26.00 -19.85 -16.21
CA LEU C 159 26.70 -18.60 -16.64
C LEU C 159 27.86 -18.24 -15.69
N VAL C 160 27.65 -18.20 -14.37
CA VAL C 160 28.75 -17.93 -13.37
C VAL C 160 29.87 -18.96 -13.57
N GLU C 161 29.50 -20.23 -13.80
CA GLU C 161 30.46 -21.30 -14.23
C GLU C 161 31.25 -20.79 -15.44
N LYS C 162 30.54 -20.37 -16.50
CA LYS C 162 31.18 -19.96 -17.79
C LYS C 162 32.15 -18.80 -17.51
N ILE C 163 31.69 -17.75 -16.83
CA ILE C 163 32.51 -16.53 -16.56
C ILE C 163 33.84 -16.94 -15.92
N ILE C 164 33.86 -17.94 -15.04
CA ILE C 164 35.08 -18.30 -14.27
C ILE C 164 36.06 -18.99 -15.22
N SER C 165 35.61 -20.01 -15.97
CA SER C 165 36.39 -20.77 -16.99
C SER C 165 37.00 -19.82 -18.03
N CYS C 166 36.24 -18.83 -18.48
CA CYS C 166 36.64 -17.89 -19.57
C CYS C 166 37.76 -16.96 -19.08
N LYS C 167 37.85 -16.67 -17.78
CA LYS C 167 38.98 -15.89 -17.18
C LYS C 167 40.25 -16.75 -17.17
N GLN C 168 40.14 -18.09 -17.22
CA GLN C 168 41.28 -19.05 -17.14
C GLN C 168 41.61 -19.63 -18.54
N SER C 169 41.07 -19.06 -19.63
CA SER C 169 41.17 -19.65 -20.99
C SER C 169 42.34 -19.03 -21.78
N ASP C 170 42.95 -19.85 -22.66
CA ASP C 170 43.95 -19.45 -23.69
C ASP C 170 43.24 -18.66 -24.81
N ASN C 171 42.01 -19.05 -25.16
CA ASN C 171 41.24 -18.51 -26.30
C ASN C 171 40.74 -17.08 -26.00
N SER C 172 41.20 -16.07 -26.77
CA SER C 172 40.89 -14.63 -26.57
C SER C 172 39.37 -14.37 -26.71
N GLU C 173 38.71 -15.02 -27.67
CA GLU C 173 37.24 -14.88 -27.89
C GLU C 173 36.48 -15.29 -26.62
N LEU C 174 36.82 -16.44 -26.04
CA LEU C 174 36.16 -16.93 -24.79
C LEU C 174 36.32 -15.87 -23.70
N VAL C 175 37.55 -15.36 -23.50
CA VAL C 175 37.88 -14.32 -22.48
C VAL C 175 36.90 -13.15 -22.62
N SER C 176 36.59 -12.73 -23.86
CA SER C 176 35.75 -11.54 -24.18
C SER C 176 34.27 -11.85 -23.93
N GLU C 177 33.85 -13.10 -24.21
CA GLU C 177 32.47 -13.58 -23.90
C GLU C 177 32.27 -13.56 -22.37
N GLY C 178 33.16 -14.21 -21.64
CA GLY C 178 33.25 -14.12 -20.16
C GLY C 178 33.09 -12.68 -19.67
N PHE C 179 34.02 -11.80 -20.03
CA PHE C 179 34.00 -10.37 -19.65
C PHE C 179 32.60 -9.80 -19.92
N VAL C 180 32.03 -10.08 -21.10
CA VAL C 180 30.72 -9.52 -21.55
C VAL C 180 29.60 -10.07 -20.66
N ALA C 181 29.65 -11.37 -20.32
CA ALA C 181 28.68 -12.07 -19.45
C ALA C 181 28.73 -11.49 -18.03
N GLU C 182 29.94 -11.15 -17.54
CA GLU C 182 30.17 -10.53 -16.20
C GLU C 182 29.58 -9.12 -16.19
N GLN C 183 29.79 -8.37 -17.27
CA GLN C 183 29.25 -6.99 -17.42
C GLN C 183 27.73 -7.04 -17.26
N PHE C 184 27.05 -8.00 -17.90
CA PHE C 184 25.58 -8.20 -17.87
C PHE C 184 25.09 -8.49 -16.42
N LEU C 185 25.65 -9.49 -15.73
CA LEU C 185 25.21 -9.85 -14.35
C LEU C 185 25.39 -8.66 -13.41
N ASN C 186 26.52 -7.95 -13.52
CA ASN C 186 26.88 -6.79 -12.66
C ASN C 186 25.97 -5.58 -12.95
N ASN C 187 25.56 -5.34 -14.20
CA ASN C 187 24.63 -4.24 -14.57
C ASN C 187 23.15 -4.63 -14.44
N THR C 188 22.84 -5.88 -14.07
CA THR C 188 21.43 -6.37 -13.90
C THR C 188 21.30 -7.05 -12.54
N ALA C 189 22.05 -6.59 -11.55
CA ALA C 189 22.14 -7.19 -10.19
C ALA C 189 20.75 -7.24 -9.55
N THR C 190 19.88 -6.23 -9.76
CA THR C 190 18.42 -6.40 -9.54
C THR C 190 17.95 -7.18 -10.75
N GLN C 191 17.27 -8.29 -10.56
CA GLN C 191 17.18 -9.33 -11.61
C GLN C 191 15.99 -9.03 -12.51
N LEU C 192 15.97 -7.83 -13.09
CA LEU C 192 14.91 -7.32 -14.00
C LEU C 192 15.57 -6.33 -14.95
N THR C 193 15.44 -6.51 -16.26
CA THR C 193 16.03 -5.61 -17.29
C THR C 193 14.91 -4.87 -17.99
N TYR C 194 15.24 -3.80 -18.70
CA TYR C 194 14.24 -2.98 -19.42
C TYR C 194 13.53 -3.90 -20.42
N HIS C 195 14.29 -4.64 -21.23
CA HIS C 195 13.77 -5.61 -22.22
C HIS C 195 12.82 -6.61 -21.51
N GLY C 196 13.24 -7.14 -20.36
CA GLY C 196 12.43 -8.13 -19.60
C GLY C 196 11.11 -7.54 -19.13
N LEU C 197 11.14 -6.31 -18.60
CA LEU C 197 9.89 -5.60 -18.23
C LEU C 197 8.96 -5.41 -19.45
N CYS C 198 9.48 -4.99 -20.62
CA CYS C 198 8.67 -4.90 -21.88
C CYS C 198 8.17 -6.28 -22.31
N GLU C 199 9.02 -7.33 -22.32
CA GLU C 199 8.50 -8.70 -22.65
C GLU C 199 7.42 -9.11 -21.65
N LEU C 200 7.64 -8.89 -20.36
CA LEU C 200 6.69 -9.29 -19.28
C LEU C 200 5.35 -8.60 -19.52
N THR C 201 5.40 -7.28 -19.77
CA THR C 201 4.19 -6.45 -20.01
C THR C 201 3.44 -6.94 -21.25
N SER C 202 4.13 -7.33 -22.34
CA SER C 202 3.38 -7.87 -23.53
C SER C 202 2.88 -9.30 -23.26
N THR C 203 3.59 -10.14 -22.49
CA THR C 203 3.23 -11.58 -22.37
C THR C 203 2.11 -11.80 -21.36
N VAL C 204 2.22 -11.17 -20.19
CA VAL C 204 1.16 -11.30 -19.15
C VAL C 204 -0.08 -10.65 -19.78
N GLN C 205 -1.27 -11.15 -19.47
CA GLN C 205 -2.51 -10.71 -20.12
C GLN C 205 -3.49 -10.14 -19.09
N GLU C 206 -4.49 -9.40 -19.58
CA GLU C 206 -5.49 -8.67 -18.76
C GLU C 206 -6.16 -9.65 -17.79
N GLY C 207 -6.18 -9.32 -16.48
CA GLY C 207 -6.77 -10.15 -15.40
C GLY C 207 -5.97 -11.39 -15.05
N GLU C 208 -4.81 -11.67 -15.64
CA GLU C 208 -4.02 -12.88 -15.26
C GLU C 208 -3.51 -12.78 -13.80
N LEU C 209 -3.68 -13.85 -13.02
CA LEU C 209 -3.10 -14.03 -11.66
C LEU C 209 -1.88 -14.95 -11.80
N CYS C 210 -0.68 -14.42 -11.54
CA CYS C 210 0.55 -15.21 -11.79
C CYS C 210 1.58 -14.93 -10.71
N VAL C 211 2.70 -15.61 -10.77
CA VAL C 211 3.79 -15.51 -9.79
C VAL C 211 4.99 -14.94 -10.53
N PHE C 212 5.62 -13.94 -9.95
CA PHE C 212 6.74 -13.18 -10.55
C PHE C 212 7.98 -13.47 -9.71
N PHE C 213 9.08 -13.87 -10.35
CA PHE C 213 10.36 -14.23 -9.68
C PHE C 213 11.32 -13.06 -9.87
N ARG C 214 11.94 -12.62 -8.78
CA ARG C 214 12.99 -11.57 -8.82
C ARG C 214 13.75 -11.58 -7.48
N ASN C 215 15.09 -11.63 -7.52
CA ASN C 215 15.93 -11.48 -6.31
C ASN C 215 15.64 -12.64 -5.35
N ASN C 216 15.45 -13.85 -5.88
CA ASN C 216 15.16 -15.09 -5.10
C ASN C 216 13.90 -14.87 -4.25
N HIS C 217 12.97 -14.04 -4.73
CA HIS C 217 11.64 -13.83 -4.12
C HIS C 217 10.55 -14.05 -5.18
N PHE C 218 9.36 -14.38 -4.71
CA PHE C 218 8.13 -14.68 -5.48
C PHE C 218 7.08 -13.66 -5.05
N SER C 219 6.48 -12.99 -6.01
CA SER C 219 5.41 -12.00 -5.83
C SER C 219 4.18 -12.46 -6.57
N THR C 220 2.97 -12.21 -6.04
CA THR C 220 1.71 -12.34 -6.78
C THR C 220 1.56 -11.17 -7.77
N MET C 221 1.45 -11.46 -9.07
CA MET C 221 1.46 -10.42 -10.13
C MET C 221 0.13 -10.45 -10.89
N THR C 222 -0.36 -9.28 -11.32
CA THR C 222 -1.53 -9.20 -12.25
C THR C 222 -1.30 -8.13 -13.29
N LYS C 223 -2.21 -8.05 -14.27
CA LYS C 223 -2.21 -6.97 -15.31
C LYS C 223 -3.57 -6.28 -15.26
N TYR C 224 -3.55 -4.95 -15.13
CA TYR C 224 -4.80 -4.15 -15.14
C TYR C 224 -4.60 -2.97 -16.09
N LYS C 225 -5.46 -2.91 -17.11
CA LYS C 225 -5.40 -1.90 -18.18
C LYS C 225 -3.99 -1.75 -18.73
N GLY C 226 -3.34 -2.85 -19.13
CA GLY C 226 -2.02 -2.79 -19.80
C GLY C 226 -0.85 -2.61 -18.85
N GLN C 227 -1.13 -2.49 -17.55
CA GLN C 227 -0.10 -2.21 -16.52
C GLN C 227 0.08 -3.43 -15.59
N LEU C 228 1.33 -3.76 -15.33
CA LEU C 228 1.73 -4.82 -14.37
C LEU C 228 1.68 -4.26 -12.94
N TYR C 229 1.03 -4.98 -12.04
CA TYR C 229 1.03 -4.70 -10.58
C TYR C 229 1.51 -5.93 -9.79
N LEU C 230 2.21 -5.69 -8.69
CA LEU C 230 2.57 -6.71 -7.67
C LEU C 230 1.67 -6.53 -6.45
N LEU C 231 1.19 -7.63 -5.87
CA LEU C 231 0.38 -7.57 -4.63
C LEU C 231 1.29 -7.14 -3.48
N VAL C 232 0.80 -6.22 -2.64
CA VAL C 232 1.61 -5.68 -1.52
C VAL C 232 1.38 -6.62 -0.33
N THR C 233 2.47 -7.22 0.12
CA THR C 233 2.50 -8.34 1.08
C THR C 233 3.26 -7.88 2.34
N ASP C 234 3.92 -6.73 2.28
CA ASP C 234 4.78 -6.12 3.35
C ASP C 234 3.97 -5.95 4.66
N GLN C 235 4.49 -6.43 5.79
CA GLN C 235 3.77 -6.42 7.11
C GLN C 235 3.33 -4.99 7.53
N GLY C 236 4.13 -3.99 7.19
CA GLY C 236 3.88 -2.57 7.52
C GLY C 236 2.55 -2.05 6.99
N PHE C 237 1.87 -2.75 6.07
CA PHE C 237 0.66 -2.26 5.36
C PHE C 237 -0.57 -3.08 5.76
N LEU C 238 -0.39 -3.99 6.70
CA LEU C 238 -1.44 -4.93 7.15
C LEU C 238 -2.75 -4.16 7.41
N THR C 239 -2.69 -2.96 8.00
CA THR C 239 -3.90 -2.20 8.40
C THR C 239 -4.15 -1.03 7.45
N GLU C 240 -3.40 -0.93 6.34
CA GLU C 240 -3.53 0.14 5.31
C GLU C 240 -4.37 -0.39 4.14
N GLU C 241 -5.69 -0.24 4.23
CA GLU C 241 -6.68 -0.57 3.16
C GLU C 241 -6.31 0.10 1.82
N LYS C 242 -5.62 1.24 1.82
CA LYS C 242 -5.39 2.01 0.58
C LYS C 242 -4.24 1.40 -0.20
N VAL C 243 -3.46 0.51 0.43
CA VAL C 243 -2.18 0.03 -0.16
C VAL C 243 -2.29 -1.48 -0.39
N VAL C 244 -2.61 -1.89 -1.61
CA VAL C 244 -2.92 -3.30 -1.97
C VAL C 244 -2.03 -3.74 -3.13
N TRP C 245 -1.78 -2.87 -4.09
CA TRP C 245 -1.09 -3.17 -5.38
C TRP C 245 0.01 -2.16 -5.54
N GLU C 246 1.13 -2.59 -6.09
CA GLU C 246 2.25 -1.69 -6.40
C GLU C 246 2.55 -1.82 -7.89
N SER C 247 2.53 -0.73 -8.63
CA SER C 247 2.71 -0.78 -10.11
C SER C 247 4.16 -1.22 -10.31
N LEU C 248 4.43 -2.00 -11.34
CA LEU C 248 5.80 -2.36 -11.77
C LEU C 248 6.06 -1.69 -13.13
N HIS C 249 6.49 -0.43 -13.15
CA HIS C 249 6.58 0.36 -14.42
C HIS C 249 8.03 0.70 -14.76
N ASN C 250 8.95 0.51 -13.81
CA ASN C 250 10.40 0.83 -13.93
C ASN C 250 11.19 -0.32 -13.30
N VAL C 251 12.43 -0.53 -13.74
CA VAL C 251 13.28 -1.65 -13.24
C VAL C 251 13.98 -1.19 -11.96
N ASP C 252 14.53 0.03 -11.98
CA ASP C 252 15.47 0.55 -10.94
C ASP C 252 14.75 1.59 -10.07
N GLY C 253 13.42 1.62 -10.10
CA GLY C 253 12.63 2.70 -9.48
C GLY C 253 11.69 2.18 -8.41
N ASP C 254 11.11 3.10 -7.62
CA ASP C 254 9.94 2.85 -6.75
C ASP C 254 8.70 2.94 -7.66
N GLY C 255 7.70 2.08 -7.41
CA GLY C 255 6.41 2.06 -8.14
C GLY C 255 5.34 2.83 -7.39
N ASN C 256 4.14 2.93 -7.96
CA ASN C 256 2.98 3.58 -7.31
C ASN C 256 2.17 2.55 -6.52
N PHE C 257 1.81 2.89 -5.27
CA PHE C 257 0.87 2.12 -4.43
C PHE C 257 -0.56 2.50 -4.77
N CYS C 258 -1.42 1.51 -4.94
CA CYS C 258 -2.85 1.70 -5.32
C CYS C 258 -3.69 0.82 -4.43
N ASP C 259 -5.00 1.06 -4.42
CA ASP C 259 -5.95 0.31 -3.58
C ASP C 259 -6.37 -0.94 -4.34
N SER C 260 -7.34 -1.65 -3.78
CA SER C 260 -8.03 -2.86 -4.29
C SER C 260 -8.33 -2.74 -5.79
N GLU C 261 -8.67 -1.55 -6.27
CA GLU C 261 -9.25 -1.29 -7.62
C GLU C 261 -8.21 -0.54 -8.45
N PHE C 262 -6.96 -0.54 -8.02
CA PHE C 262 -5.82 0.07 -8.75
C PHE C 262 -5.90 1.62 -8.79
N HIS C 263 -6.54 2.28 -7.82
CA HIS C 263 -6.51 3.78 -7.77
C HIS C 263 -5.42 4.26 -6.82
N LEU C 264 -4.69 5.31 -7.21
CA LEU C 264 -3.81 6.13 -6.34
C LEU C 264 -4.61 6.55 -5.10
N ARG C 265 -3.98 6.66 -3.95
CA ARG C 265 -4.65 7.18 -2.73
C ARG C 265 -3.69 8.15 -2.04
N PRO C 266 -4.22 9.21 -1.40
CA PRO C 266 -3.35 10.23 -0.82
C PRO C 266 -2.67 9.67 0.41
N PRO C 267 -1.62 10.33 0.94
CA PRO C 267 -0.93 9.83 2.14
C PRO C 267 -1.83 9.77 3.39
N SER C 268 -1.51 8.88 4.34
CA SER C 268 -2.25 8.63 5.61
C SER C 268 -1.93 9.73 6.62
N PHE D 8 39.58 -10.93 -6.57
CA PHE D 8 39.80 -9.54 -7.10
C PHE D 8 40.46 -8.65 -6.02
N MET D 9 39.83 -7.50 -5.74
CA MET D 9 40.39 -6.42 -4.88
C MET D 9 40.05 -6.55 -3.39
N SER D 10 39.66 -7.73 -2.90
CA SER D 10 39.43 -7.83 -1.44
C SER D 10 40.80 -7.80 -0.75
N VAL D 11 40.96 -7.02 0.32
CA VAL D 11 42.30 -6.94 0.97
C VAL D 11 42.30 -7.78 2.25
N TYR D 12 43.37 -8.56 2.43
CA TYR D 12 43.63 -9.40 3.63
C TYR D 12 44.82 -8.82 4.40
N HIS D 13 44.67 -8.72 5.71
CA HIS D 13 45.75 -8.39 6.67
C HIS D 13 46.48 -9.66 7.09
N ILE D 14 47.83 -9.68 6.99
CA ILE D 14 48.66 -10.85 7.40
C ILE D 14 49.07 -10.74 8.88
N LYS D 15 48.90 -11.81 9.66
CA LYS D 15 49.40 -11.94 11.06
C LYS D 15 50.58 -12.91 11.08
N TRP D 16 51.75 -12.43 11.49
CA TRP D 16 52.98 -13.24 11.63
C TRP D 16 52.96 -13.89 13.03
N ILE D 17 52.90 -15.22 13.06
CA ILE D 17 52.91 -16.02 14.32
C ILE D 17 54.17 -16.91 14.32
N GLN D 18 54.32 -17.75 15.34
CA GLN D 18 55.29 -18.88 15.28
C GLN D 18 54.53 -20.21 15.08
N TRP D 19 54.99 -20.96 14.09
CA TRP D 19 54.57 -22.35 13.81
C TRP D 19 55.85 -23.18 13.71
N LYS D 20 55.98 -24.22 14.55
CA LYS D 20 57.24 -24.99 14.75
C LYS D 20 58.42 -24.03 14.91
N GLU D 21 58.31 -23.01 15.79
CA GLU D 21 59.39 -22.04 16.15
C GLU D 21 59.95 -21.34 14.91
N GLU D 22 59.20 -21.25 13.81
CA GLU D 22 59.54 -20.40 12.65
C GLU D 22 58.46 -19.34 12.44
N ASN D 23 58.90 -18.13 12.09
CA ASN D 23 58.04 -17.00 11.72
C ASN D 23 57.21 -17.42 10.50
N THR D 24 55.90 -17.44 10.66
CA THR D 24 54.96 -18.01 9.66
C THR D 24 53.74 -17.11 9.54
N PRO D 25 53.39 -16.67 8.32
CA PRO D 25 52.23 -15.79 8.12
C PRO D 25 50.93 -16.56 8.12
N ILE D 26 49.88 -15.92 8.60
CA ILE D 26 48.45 -16.38 8.57
C ILE D 26 47.61 -15.24 7.98
N ILE D 27 46.53 -15.55 7.26
CA ILE D 27 45.57 -14.53 6.74
C ILE D 27 44.42 -14.39 7.72
N THR D 28 44.14 -13.17 8.14
CA THR D 28 42.98 -12.84 9.03
C THR D 28 41.78 -12.54 8.13
N GLN D 29 40.56 -12.87 8.59
CA GLN D 29 39.34 -12.68 7.75
C GLN D 29 38.97 -11.19 7.59
N ASN D 30 38.33 -10.89 6.46
CA ASN D 30 37.81 -9.53 6.12
C ASN D 30 36.30 -9.72 5.93
N GLU D 31 35.65 -8.85 5.17
CA GLU D 31 34.20 -8.95 4.84
C GLU D 31 33.70 -10.37 4.56
N ASN D 32 34.49 -11.16 3.83
CA ASN D 32 34.13 -12.56 3.44
C ASN D 32 33.92 -13.43 4.70
N GLY D 33 34.69 -13.21 5.76
CA GLY D 33 34.53 -14.02 6.98
C GLY D 33 35.24 -15.36 6.83
N PRO D 34 34.79 -16.46 7.46
CA PRO D 34 35.49 -17.74 7.34
C PRO D 34 35.11 -18.47 6.04
N CYS D 35 35.57 -17.94 4.91
CA CYS D 35 35.34 -18.52 3.56
C CYS D 35 36.33 -19.67 3.37
N PRO D 36 36.06 -20.62 2.45
CA PRO D 36 36.95 -21.75 2.22
C PRO D 36 38.37 -21.34 1.80
N LEU D 37 38.49 -20.25 1.03
CA LEU D 37 39.82 -19.80 0.53
C LEU D 37 40.77 -19.47 1.69
N LEU D 38 40.27 -18.83 2.74
CA LEU D 38 41.11 -18.47 3.93
C LEU D 38 41.61 -19.75 4.59
N ALA D 39 40.69 -20.65 4.92
CA ALA D 39 40.95 -21.97 5.55
C ALA D 39 42.00 -22.74 4.74
N ILE D 40 41.96 -22.64 3.41
CA ILE D 40 42.85 -23.39 2.49
C ILE D 40 44.22 -22.70 2.46
N LEU D 41 44.26 -21.39 2.24
CA LEU D 41 45.56 -20.68 2.21
C LEU D 41 46.28 -20.87 3.55
N ASN D 42 45.56 -20.81 4.68
CA ASN D 42 46.19 -20.90 6.03
C ASN D 42 46.78 -22.30 6.24
N VAL D 43 46.19 -23.34 5.65
CA VAL D 43 46.80 -24.68 5.66
C VAL D 43 48.17 -24.60 4.96
N LEU D 44 48.21 -24.02 3.78
CA LEU D 44 49.41 -24.08 2.90
C LEU D 44 50.51 -23.18 3.49
N LEU D 45 50.13 -22.06 4.13
CA LEU D 45 51.10 -21.12 4.76
C LEU D 45 51.68 -21.81 6.01
N LEU D 46 50.82 -22.40 6.84
CA LEU D 46 51.27 -23.15 8.04
C LEU D 46 52.16 -24.34 7.63
N ALA D 47 51.88 -25.00 6.51
CA ALA D 47 52.70 -26.15 6.04
C ALA D 47 54.01 -25.67 5.37
N TRP D 48 54.17 -24.36 5.11
CA TRP D 48 55.33 -23.76 4.36
C TRP D 48 55.33 -24.22 2.89
N LYS D 49 54.17 -24.52 2.31
CA LYS D 49 54.04 -24.90 0.88
C LYS D 49 53.86 -23.64 0.03
N VAL D 50 53.39 -22.56 0.64
CA VAL D 50 53.27 -21.20 0.04
C VAL D 50 53.99 -20.22 0.98
N LYS D 51 55.01 -19.53 0.48
CA LYS D 51 55.79 -18.59 1.32
C LYS D 51 55.55 -17.16 0.86
N LEU D 52 55.36 -16.25 1.82
CA LEU D 52 55.12 -14.82 1.52
C LEU D 52 56.39 -14.04 1.87
N PRO D 53 56.68 -12.88 1.24
CA PRO D 53 57.88 -12.12 1.57
C PRO D 53 57.83 -11.74 3.05
N PRO D 54 58.96 -11.82 3.79
CA PRO D 54 58.96 -11.54 5.22
C PRO D 54 58.42 -10.16 5.57
N MET D 55 57.61 -10.12 6.64
CA MET D 55 56.98 -8.91 7.22
C MET D 55 55.99 -8.23 6.28
N MET D 56 55.40 -8.98 5.35
CA MET D 56 54.33 -8.43 4.47
C MET D 56 53.10 -8.23 5.37
N GLU D 57 52.42 -7.09 5.27
CA GLU D 57 51.26 -6.83 6.16
C GLU D 57 49.92 -6.95 5.44
N ILE D 58 49.88 -6.71 4.13
CA ILE D 58 48.58 -6.76 3.39
C ILE D 58 48.78 -7.51 2.07
N ILE D 59 47.71 -8.13 1.57
CA ILE D 59 47.75 -8.91 0.30
C ILE D 59 46.34 -8.96 -0.30
N THR D 60 46.24 -8.96 -1.63
CA THR D 60 44.96 -9.03 -2.37
C THR D 60 44.53 -10.49 -2.49
N ALA D 61 43.23 -10.79 -2.54
CA ALA D 61 42.73 -12.13 -2.91
C ALA D 61 43.42 -12.57 -4.21
N GLU D 62 43.59 -11.63 -5.17
CA GLU D 62 44.21 -11.92 -6.48
C GLU D 62 45.65 -12.40 -6.26
N GLN D 63 46.42 -11.70 -5.42
CA GLN D 63 47.84 -12.07 -5.11
C GLN D 63 47.93 -13.46 -4.47
N LEU D 64 46.97 -13.82 -3.61
CA LEU D 64 46.95 -15.12 -2.89
C LEU D 64 46.73 -16.27 -3.88
N MET D 65 45.76 -16.11 -4.78
CA MET D 65 45.43 -17.10 -5.83
C MET D 65 46.58 -17.23 -6.84
N GLU D 66 47.38 -16.18 -7.03
CA GLU D 66 48.64 -16.18 -7.83
C GLU D 66 49.60 -17.17 -7.19
N TYR D 67 49.90 -17.00 -5.89
CA TYR D 67 50.74 -17.90 -5.05
C TYR D 67 50.18 -19.33 -5.06
N LEU D 68 48.86 -19.46 -4.95
CA LEU D 68 48.13 -20.75 -4.95
C LEU D 68 48.23 -21.43 -6.32
N GLY D 69 48.21 -20.64 -7.39
CA GLY D 69 48.44 -21.13 -8.76
C GLY D 69 49.89 -21.53 -8.94
N ASP D 70 50.82 -20.59 -8.69
CA ASP D 70 52.30 -20.76 -8.88
C ASP D 70 52.72 -22.10 -8.24
N TYR D 71 52.11 -22.43 -7.09
CA TYR D 71 52.43 -23.62 -6.26
C TYR D 71 51.90 -24.92 -6.89
N MET D 72 50.69 -24.90 -7.48
CA MET D 72 50.13 -26.06 -8.24
C MET D 72 51.17 -26.52 -9.28
N LEU D 73 51.64 -25.61 -10.12
CA LEU D 73 52.65 -25.95 -11.15
C LEU D 73 53.84 -26.64 -10.48
N ASP D 74 54.18 -26.24 -9.27
CA ASP D 74 55.33 -26.83 -8.53
C ASP D 74 54.80 -27.84 -7.50
N MET D 92 45.27 -31.34 -16.88
CA MET D 92 43.84 -31.03 -17.15
C MET D 92 42.97 -31.42 -15.95
N SER D 93 43.40 -32.41 -15.15
CA SER D 93 42.80 -32.81 -13.85
C SER D 93 42.55 -31.55 -13.01
N ASP D 94 43.62 -30.82 -12.69
CA ASP D 94 43.65 -29.69 -11.72
C ASP D 94 43.12 -28.40 -12.37
N ALA D 95 41.95 -27.93 -11.91
CA ALA D 95 41.26 -26.69 -12.37
C ALA D 95 41.07 -25.71 -11.19
N MET D 96 41.81 -24.59 -11.18
CA MET D 96 41.86 -23.55 -10.11
C MET D 96 40.73 -22.52 -10.27
N ALA D 97 39.80 -22.76 -11.19
CA ALA D 97 38.51 -22.04 -11.37
C ALA D 97 37.60 -22.23 -10.14
N ILE D 98 37.63 -23.42 -9.56
CA ILE D 98 36.81 -23.72 -8.35
C ILE D 98 37.25 -22.75 -7.25
N LEU D 99 38.56 -22.52 -7.14
CA LEU D 99 39.13 -21.61 -6.11
C LEU D 99 38.52 -20.21 -6.27
N HIS D 100 38.36 -19.75 -7.51
CA HIS D 100 37.72 -18.44 -7.81
C HIS D 100 36.27 -18.44 -7.35
N LYS D 101 35.57 -19.57 -7.39
CA LYS D 101 34.19 -19.63 -6.87
C LYS D 101 34.18 -19.78 -5.35
N LEU D 102 35.33 -20.11 -4.74
CA LEU D 102 35.45 -20.32 -3.27
C LEU D 102 35.75 -19.02 -2.54
N GLN D 103 36.08 -17.94 -3.25
CA GLN D 103 36.42 -16.67 -2.56
C GLN D 103 35.29 -16.25 -1.62
N THR D 104 34.05 -16.32 -2.08
CA THR D 104 32.84 -15.95 -1.32
C THR D 104 32.43 -17.07 -0.35
N GLY D 105 31.90 -18.17 -0.88
CA GLY D 105 31.49 -19.30 -0.03
C GLY D 105 31.53 -20.60 -0.80
N LEU D 106 30.88 -21.65 -0.28
CA LEU D 106 30.87 -22.97 -0.98
C LEU D 106 29.71 -23.81 -0.42
N ASP D 107 28.89 -24.36 -1.30
CA ASP D 107 27.75 -25.20 -0.86
C ASP D 107 28.26 -26.62 -0.60
N VAL D 108 28.58 -26.88 0.66
CA VAL D 108 29.09 -28.20 1.10
C VAL D 108 27.91 -28.94 1.71
N ASN D 109 27.76 -30.22 1.37
CA ASN D 109 26.64 -31.07 1.84
C ASN D 109 27.26 -32.26 2.55
N VAL D 110 27.18 -32.30 3.88
CA VAL D 110 27.83 -33.40 4.65
C VAL D 110 27.01 -34.68 4.48
N ARG D 111 27.66 -35.82 4.70
CA ARG D 111 27.04 -37.09 5.18
C ARG D 111 27.31 -37.22 6.67
N PHE D 112 26.47 -37.95 7.40
CA PHE D 112 26.46 -38.07 8.88
C PHE D 112 27.15 -39.36 9.37
N THR D 113 27.87 -40.08 8.49
CA THR D 113 28.41 -41.44 8.80
C THR D 113 29.91 -41.39 9.11
N GLY D 114 30.60 -40.28 8.89
CA GLY D 114 32.07 -40.22 9.02
C GLY D 114 32.61 -38.81 8.83
N VAL D 115 33.73 -38.51 9.50
CA VAL D 115 34.28 -37.13 9.62
C VAL D 115 34.84 -36.66 8.27
N ARG D 116 35.01 -37.55 7.29
CA ARG D 116 35.51 -37.15 5.95
C ARG D 116 34.40 -37.22 4.91
N VAL D 117 33.18 -37.53 5.33
CA VAL D 117 32.11 -37.98 4.39
C VAL D 117 31.27 -36.77 4.00
N PHE D 118 31.45 -36.31 2.77
CA PHE D 118 30.58 -35.31 2.10
C PHE D 118 30.04 -35.91 0.78
N GLU D 119 28.89 -35.40 0.31
CA GLU D 119 28.51 -35.53 -1.12
C GLU D 119 29.65 -34.96 -1.98
N TYR D 120 30.11 -35.72 -2.98
CA TYR D 120 31.22 -35.30 -3.88
C TYR D 120 30.62 -34.27 -4.85
N THR D 121 31.00 -33.00 -4.73
CA THR D 121 30.53 -31.89 -5.59
C THR D 121 31.74 -31.32 -6.32
N PRO D 122 31.55 -30.71 -7.51
CA PRO D 122 32.66 -30.00 -8.15
C PRO D 122 33.47 -29.28 -7.06
N GLU D 123 32.78 -28.72 -6.08
CA GLU D 123 33.40 -27.92 -4.98
C GLU D 123 34.42 -28.70 -4.15
N CYS D 124 34.11 -29.93 -3.73
CA CYS D 124 35.01 -30.70 -2.82
C CYS D 124 36.29 -31.19 -3.53
N ILE D 125 36.36 -31.09 -4.86
CA ILE D 125 37.46 -31.64 -5.70
C ILE D 125 38.75 -30.85 -5.43
N VAL D 126 38.61 -29.58 -5.03
CA VAL D 126 39.74 -28.64 -4.72
C VAL D 126 40.62 -29.26 -3.61
N PHE D 127 39.98 -29.75 -2.56
CA PHE D 127 40.65 -30.34 -1.37
C PHE D 127 41.53 -31.50 -1.81
N ASP D 128 40.98 -32.42 -2.62
CA ASP D 128 41.73 -33.57 -3.17
C ASP D 128 42.79 -33.05 -4.14
N LEU D 129 42.45 -32.11 -5.03
CA LEU D 129 43.43 -31.52 -5.98
C LEU D 129 44.61 -30.93 -5.19
N LEU D 130 44.33 -30.22 -4.08
CA LEU D 130 45.34 -29.49 -3.26
C LEU D 130 45.98 -30.40 -2.20
N ASP D 131 45.46 -31.62 -2.03
CA ASP D 131 45.97 -32.61 -1.04
C ASP D 131 45.77 -32.06 0.39
N ILE D 132 44.62 -31.40 0.63
CA ILE D 132 44.22 -30.86 1.96
C ILE D 132 42.98 -31.62 2.40
N PRO D 133 43.02 -32.32 3.55
CA PRO D 133 41.85 -33.02 4.05
C PRO D 133 40.78 -32.05 4.59
N LEU D 134 39.52 -32.32 4.23
CA LEU D 134 38.32 -31.63 4.74
C LEU D 134 37.56 -32.53 5.70
N TYR D 135 37.21 -32.02 6.89
CA TYR D 135 36.56 -32.81 7.98
C TYR D 135 35.33 -32.08 8.50
N HIS D 136 34.38 -32.84 9.01
CA HIS D 136 33.29 -32.29 9.85
C HIS D 136 33.09 -33.22 11.04
N GLY D 137 32.26 -32.83 11.99
CA GLY D 137 31.96 -33.67 13.15
C GLY D 137 30.47 -33.73 13.38
N TRP D 138 29.69 -33.49 12.33
CA TRP D 138 28.22 -33.70 12.35
C TRP D 138 27.94 -35.18 12.11
N LEU D 139 28.12 -36.01 13.15
CA LEU D 139 27.98 -37.48 13.07
C LEU D 139 26.78 -37.92 13.89
N VAL D 140 26.00 -38.88 13.36
CA VAL D 140 24.93 -39.57 14.12
C VAL D 140 25.64 -40.55 15.06
N ASP D 141 25.10 -40.76 16.27
CA ASP D 141 25.69 -41.63 17.32
C ASP D 141 25.16 -43.05 17.10
N PRO D 142 26.01 -44.03 16.71
CA PRO D 142 25.54 -45.39 16.43
C PRO D 142 24.83 -46.13 17.58
N GLN D 143 24.86 -45.59 18.81
CA GLN D 143 24.23 -46.18 20.03
C GLN D 143 22.71 -46.31 19.82
N ILE D 144 22.03 -45.26 19.33
CA ILE D 144 20.54 -45.25 19.13
C ILE D 144 20.22 -45.90 17.78
N ASP D 145 19.48 -47.03 17.80
CA ASP D 145 19.20 -47.92 16.63
C ASP D 145 18.47 -47.13 15.53
N ASP D 146 17.45 -46.37 15.90
CA ASP D 146 16.57 -45.56 15.00
C ASP D 146 17.42 -44.66 14.10
N ILE D 147 18.36 -43.89 14.67
CA ILE D 147 19.05 -42.73 14.00
C ILE D 147 19.92 -43.25 12.85
N VAL D 148 20.65 -44.35 13.05
CA VAL D 148 21.52 -44.94 11.98
C VAL D 148 20.64 -45.34 10.79
N LYS D 149 19.47 -45.95 11.02
CA LYS D 149 18.56 -46.43 9.94
C LYS D 149 17.95 -45.21 9.25
N ALA D 150 17.43 -44.25 10.03
CA ALA D 150 16.67 -43.05 9.58
C ALA D 150 17.51 -42.13 8.69
N VAL D 151 18.84 -42.09 8.89
CA VAL D 151 19.76 -41.13 8.22
C VAL D 151 20.49 -41.88 7.08
N GLY D 152 20.94 -43.10 7.36
CA GLY D 152 21.57 -43.95 6.31
C GLY D 152 22.75 -43.22 5.70
N ASN D 153 22.89 -43.28 4.38
CA ASN D 153 23.97 -42.61 3.61
C ASN D 153 23.46 -41.25 3.11
N CYS D 154 22.38 -40.74 3.69
CA CYS D 154 21.78 -39.43 3.29
C CYS D 154 22.76 -38.28 3.55
N SER D 155 22.95 -37.43 2.54
CA SER D 155 23.51 -36.08 2.68
C SER D 155 22.47 -35.23 3.43
N TYR D 156 22.86 -34.08 3.99
CA TYR D 156 21.92 -33.16 4.64
C TYR D 156 20.74 -32.90 3.69
N ASN D 157 21.01 -32.57 2.43
CA ASN D 157 19.98 -32.19 1.41
C ASN D 157 19.04 -33.40 1.19
N GLN D 158 19.60 -34.59 0.93
CA GLN D 158 18.83 -35.85 0.77
C GLN D 158 17.97 -36.10 2.01
N LEU D 159 18.49 -35.80 3.21
CA LEU D 159 17.76 -36.11 4.48
C LEU D 159 16.57 -35.17 4.67
N VAL D 160 16.72 -33.86 4.45
CA VAL D 160 15.56 -32.93 4.59
C VAL D 160 14.47 -33.42 3.61
N GLU D 161 14.85 -33.84 2.40
CA GLU D 161 13.85 -34.37 1.43
C GLU D 161 13.20 -35.63 1.97
N LYS D 162 14.00 -36.54 2.51
CA LYS D 162 13.50 -37.81 3.05
C LYS D 162 12.47 -37.46 4.13
N ILE D 163 12.81 -36.50 4.99
CA ILE D 163 11.95 -36.13 6.16
C ILE D 163 10.58 -35.67 5.64
N ILE D 164 10.55 -34.92 4.54
CA ILE D 164 9.28 -34.38 3.97
C ILE D 164 8.47 -35.55 3.41
N SER D 165 9.11 -36.40 2.61
CA SER D 165 8.51 -37.62 2.01
C SER D 165 7.94 -38.50 3.13
N CYS D 166 8.73 -38.76 4.19
CA CYS D 166 8.36 -39.67 5.31
C CYS D 166 7.12 -39.14 6.05
N LYS D 167 7.04 -37.83 6.32
CA LYS D 167 5.91 -37.20 7.05
C LYS D 167 4.60 -37.37 6.26
N GLN D 168 4.67 -37.38 4.92
CA GLN D 168 3.50 -37.45 3.99
C GLN D 168 3.06 -38.91 3.78
N SER D 169 3.97 -39.87 3.93
CA SER D 169 3.76 -41.31 3.60
C SER D 169 2.60 -41.91 4.45
N ASP D 170 2.08 -43.06 4.00
CA ASP D 170 1.03 -43.83 4.70
C ASP D 170 1.68 -44.97 5.52
N ASN D 171 2.94 -45.30 5.20
CA ASN D 171 3.75 -46.30 5.92
C ASN D 171 4.22 -45.71 7.26
N SER D 172 3.70 -46.24 8.38
CA SER D 172 4.01 -45.73 9.73
C SER D 172 5.52 -45.88 10.01
N GLU D 173 6.17 -46.95 9.50
CA GLU D 173 7.63 -47.16 9.68
C GLU D 173 8.42 -46.00 9.03
N LEU D 174 8.03 -45.53 7.83
CA LEU D 174 8.62 -44.35 7.14
C LEU D 174 8.35 -43.08 7.96
N VAL D 175 7.11 -42.87 8.41
CA VAL D 175 6.71 -41.71 9.26
C VAL D 175 7.67 -41.62 10.47
N SER D 176 7.98 -42.78 11.09
CA SER D 176 8.80 -42.86 12.32
C SER D 176 10.27 -42.54 11.98
N GLU D 177 10.81 -43.16 10.93
CA GLU D 177 12.13 -42.77 10.35
C GLU D 177 12.17 -41.25 10.15
N GLY D 178 11.08 -40.68 9.61
CA GLY D 178 10.91 -39.23 9.41
C GLY D 178 11.18 -38.46 10.69
N PHE D 179 10.48 -38.80 11.77
CA PHE D 179 10.50 -38.04 13.05
C PHE D 179 11.87 -38.17 13.70
N VAL D 180 12.50 -39.35 13.67
CA VAL D 180 13.82 -39.55 14.33
C VAL D 180 14.88 -38.77 13.54
N ALA D 181 14.80 -38.75 12.20
CA ALA D 181 15.70 -37.97 11.33
C ALA D 181 15.59 -36.49 11.73
N GLU D 182 14.35 -35.99 11.92
CA GLU D 182 13.99 -34.58 12.22
C GLU D 182 14.52 -34.19 13.61
N GLN D 183 14.31 -35.08 14.59
CA GLN D 183 14.78 -34.97 16.00
C GLN D 183 16.30 -34.78 15.98
N PHE D 184 17.03 -35.65 15.29
CA PHE D 184 18.51 -35.56 15.16
C PHE D 184 18.93 -34.18 14.59
N LEU D 185 18.25 -33.68 13.53
CA LEU D 185 18.61 -32.40 12.87
C LEU D 185 18.31 -31.23 13.82
N ASN D 186 17.18 -31.27 14.53
CA ASN D 186 16.78 -30.25 15.53
C ASN D 186 17.69 -30.31 16.77
N ASN D 187 18.15 -31.49 17.21
CA ASN D 187 18.96 -31.67 18.45
C ASN D 187 20.45 -31.40 18.20
N THR D 188 20.87 -31.30 16.93
CA THR D 188 22.30 -31.24 16.56
C THR D 188 22.54 -30.04 15.65
N ALA D 189 21.75 -28.96 15.84
CA ALA D 189 21.63 -27.77 14.97
C ALA D 189 22.96 -27.00 14.89
N THR D 190 23.72 -27.00 15.97
CA THR D 190 25.18 -26.72 15.91
C THR D 190 25.76 -27.98 15.27
N GLN D 191 26.32 -27.88 14.09
CA GLN D 191 26.61 -29.06 13.23
C GLN D 191 27.87 -29.78 13.74
N LEU D 192 27.89 -30.07 15.04
CA LEU D 192 28.92 -30.89 15.73
C LEU D 192 28.21 -31.69 16.83
N THR D 193 28.43 -33.00 16.89
CA THR D 193 27.92 -33.88 17.99
C THR D 193 29.11 -34.34 18.84
N TYR D 194 28.83 -34.86 20.04
CA TYR D 194 29.86 -35.36 20.96
C TYR D 194 30.63 -36.49 20.27
N HIS D 195 29.92 -37.42 19.65
CA HIS D 195 30.50 -38.59 18.94
C HIS D 195 31.40 -38.10 17.81
N GLY D 196 30.93 -37.12 17.04
CA GLY D 196 31.70 -36.55 15.93
C GLY D 196 33.01 -35.99 16.42
N LEU D 197 32.96 -35.29 17.56
CA LEU D 197 34.16 -34.65 18.17
C LEU D 197 35.15 -35.71 18.64
N CYS D 198 34.68 -36.81 19.24
CA CYS D 198 35.55 -37.95 19.66
C CYS D 198 36.19 -38.58 18.42
N GLU D 199 35.40 -38.78 17.34
CA GLU D 199 35.92 -39.41 16.09
C GLU D 199 36.95 -38.50 15.42
N LEU D 200 36.65 -37.20 15.40
CA LEU D 200 37.51 -36.16 14.80
C LEU D 200 38.84 -36.11 15.57
N THR D 201 38.74 -36.08 16.91
CA THR D 201 39.92 -36.10 17.82
C THR D 201 40.77 -37.35 17.51
N SER D 202 40.15 -38.55 17.41
CA SER D 202 40.85 -39.84 17.09
C SER D 202 41.45 -39.76 15.67
N THR D 203 40.67 -39.30 14.70
CA THR D 203 41.05 -39.42 13.27
C THR D 203 42.19 -38.46 12.92
N VAL D 204 42.13 -37.20 13.32
CA VAL D 204 43.17 -36.19 12.96
C VAL D 204 44.45 -36.57 13.71
N GLN D 205 45.60 -36.36 13.10
CA GLN D 205 46.90 -36.81 13.65
C GLN D 205 47.66 -35.59 14.18
N GLU D 206 48.41 -35.85 15.23
CA GLU D 206 49.28 -34.89 15.93
C GLU D 206 50.00 -34.06 14.84
N GLY D 207 49.84 -32.72 14.83
CA GLY D 207 50.48 -31.80 13.87
C GLY D 207 49.87 -31.81 12.47
N GLU D 208 48.76 -32.50 12.22
CA GLU D 208 48.11 -32.43 10.88
C GLU D 208 47.50 -31.04 10.67
N LEU D 209 47.65 -30.48 9.45
CA LEU D 209 47.02 -29.22 8.99
C LEU D 209 45.87 -29.61 8.07
N CYS D 210 44.65 -29.22 8.44
CA CYS D 210 43.44 -29.59 7.70
C CYS D 210 42.38 -28.51 7.87
N VAL D 211 41.24 -28.72 7.20
CA VAL D 211 40.11 -27.76 7.16
C VAL D 211 38.95 -28.43 7.85
N PHE D 212 38.30 -27.72 8.75
CA PHE D 212 37.11 -28.15 9.50
C PHE D 212 35.90 -27.38 9.01
N PHE D 213 34.78 -28.08 8.78
CA PHE D 213 33.49 -27.53 8.31
C PHE D 213 32.46 -27.61 9.44
N ARG D 214 31.73 -26.51 9.64
CA ARG D 214 30.60 -26.41 10.59
C ARG D 214 29.82 -25.12 10.29
N ASN D 215 28.48 -25.20 10.28
CA ASN D 215 27.55 -24.04 10.08
C ASN D 215 27.99 -23.21 8.88
N ASN D 216 28.34 -23.85 7.76
CA ASN D 216 28.73 -23.22 6.48
C ASN D 216 30.00 -22.38 6.63
N HIS D 217 30.79 -22.63 7.68
CA HIS D 217 32.08 -21.96 7.97
C HIS D 217 33.21 -22.98 7.85
N PHE D 218 34.35 -22.58 7.28
CA PHE D 218 35.56 -23.39 7.15
C PHE D 218 36.64 -22.80 8.06
N SER D 219 37.33 -23.65 8.79
CA SER D 219 38.43 -23.26 9.72
C SER D 219 39.69 -24.07 9.41
N THR D 220 40.84 -23.48 9.65
CA THR D 220 42.12 -24.21 9.69
C THR D 220 42.24 -24.93 11.04
N MET D 221 42.47 -26.23 10.99
CA MET D 221 42.44 -27.07 12.21
C MET D 221 43.75 -27.83 12.32
N THR D 222 44.20 -28.03 13.56
CA THR D 222 45.35 -28.90 13.84
C THR D 222 45.04 -29.65 15.11
N LYS D 223 45.95 -30.52 15.48
CA LYS D 223 45.86 -31.30 16.74
C LYS D 223 47.21 -31.20 17.44
N TYR D 224 47.20 -30.87 18.73
CA TYR D 224 48.44 -30.72 19.55
C TYR D 224 48.19 -31.38 20.90
N LYS D 225 49.00 -32.41 21.20
CA LYS D 225 48.91 -33.24 22.44
C LYS D 225 47.48 -33.68 22.67
N GLY D 226 46.88 -34.29 21.64
CA GLY D 226 45.60 -35.02 21.71
C GLY D 226 44.40 -34.10 21.63
N GLN D 227 44.63 -32.80 21.47
CA GLN D 227 43.56 -31.76 21.48
C GLN D 227 43.45 -31.09 20.11
N LEU D 228 42.22 -30.92 19.63
CA LEU D 228 41.95 -30.16 18.38
C LEU D 228 41.93 -28.65 18.68
N TYR D 229 42.54 -27.86 17.80
CA TYR D 229 42.59 -26.37 17.87
C TYR D 229 42.22 -25.79 16.49
N LEU D 230 41.44 -24.72 16.48
CA LEU D 230 41.07 -23.91 15.28
C LEU D 230 41.92 -22.63 15.24
N LEU D 231 42.46 -22.26 14.10
CA LEU D 231 43.24 -21.00 13.92
C LEU D 231 42.30 -19.81 14.12
N VAL D 232 42.67 -18.83 14.94
CA VAL D 232 41.84 -17.60 15.19
C VAL D 232 42.19 -16.59 14.08
N THR D 233 41.23 -16.33 13.21
CA THR D 233 41.35 -15.45 12.02
C THR D 233 40.50 -14.20 12.22
N ASP D 234 39.83 -14.09 13.37
CA ASP D 234 39.00 -12.92 13.77
C ASP D 234 39.86 -11.66 13.73
N GLN D 235 39.42 -10.65 12.95
CA GLN D 235 40.07 -9.32 12.70
C GLN D 235 40.49 -8.69 14.03
N GLY D 236 39.66 -8.80 15.08
CA GLY D 236 39.95 -8.33 16.45
C GLY D 236 41.29 -8.81 17.02
N PHE D 237 41.90 -9.89 16.50
CA PHE D 237 43.08 -10.49 17.17
C PHE D 237 44.31 -10.37 16.27
N LEU D 238 44.18 -9.63 15.18
CA LEU D 238 45.28 -9.35 14.23
C LEU D 238 46.55 -8.96 15.01
N THR D 239 46.40 -8.12 16.05
CA THR D 239 47.52 -7.47 16.80
C THR D 239 47.91 -8.28 18.05
N GLU D 240 47.10 -9.26 18.44
CA GLU D 240 47.23 -10.00 19.72
C GLU D 240 48.04 -11.28 19.51
N GLU D 241 49.33 -11.24 19.84
CA GLU D 241 50.28 -12.40 19.82
C GLU D 241 49.76 -13.52 20.73
N LYS D 242 49.04 -13.18 21.79
CA LYS D 242 48.60 -14.15 22.83
C LYS D 242 47.47 -15.04 22.28
N VAL D 243 46.82 -14.65 21.17
CA VAL D 243 45.57 -15.35 20.77
C VAL D 243 45.72 -15.85 19.34
N VAL D 244 46.13 -17.12 19.20
CA VAL D 244 46.47 -17.71 17.87
C VAL D 244 45.56 -18.90 17.62
N TRP D 245 45.35 -19.75 18.62
CA TRP D 245 44.61 -21.04 18.51
C TRP D 245 43.48 -21.04 19.54
N GLU D 246 42.36 -21.64 19.21
CA GLU D 246 41.22 -21.84 20.14
C GLU D 246 40.98 -23.33 20.23
N SER D 247 40.95 -23.88 21.44
CA SER D 247 40.69 -25.34 21.60
C SER D 247 39.26 -25.67 21.12
N LEU D 248 39.05 -26.84 20.54
CA LEU D 248 37.71 -27.41 20.24
C LEU D 248 37.54 -28.66 21.12
N HIS D 249 37.16 -28.48 22.38
CA HIS D 249 37.13 -29.56 23.41
C HIS D 249 35.69 -29.92 23.79
N ASN D 250 34.70 -29.21 23.27
CA ASN D 250 33.27 -29.55 23.48
C ASN D 250 32.46 -29.02 22.30
N VAL D 251 31.19 -29.40 22.28
CA VAL D 251 30.23 -29.06 21.18
C VAL D 251 29.61 -27.69 21.49
N ASP D 252 29.19 -27.46 22.74
CA ASP D 252 28.50 -26.24 23.23
C ASP D 252 29.45 -25.45 24.12
N GLY D 253 29.51 -24.13 23.96
CA GLY D 253 30.22 -23.21 24.85
C GLY D 253 31.49 -22.65 24.22
N ASP D 254 32.38 -22.11 25.05
CA ASP D 254 33.64 -21.44 24.59
C ASP D 254 34.80 -22.44 24.73
N GLY D 255 35.79 -22.33 23.84
CA GLY D 255 37.07 -23.03 23.97
C GLY D 255 38.00 -22.30 24.93
N ASN D 256 39.27 -22.66 24.93
CA ASN D 256 40.37 -21.85 25.48
C ASN D 256 41.10 -21.19 24.32
N PHE D 257 41.44 -19.91 24.44
CA PHE D 257 42.43 -19.27 23.55
C PHE D 257 43.85 -19.56 24.06
N CYS D 258 44.78 -19.77 23.14
CA CYS D 258 46.20 -20.10 23.41
C CYS D 258 47.07 -19.40 22.39
N ASP D 259 48.36 -19.30 22.68
CA ASP D 259 49.33 -18.59 21.82
C ASP D 259 49.85 -19.54 20.73
N SER D 260 50.89 -19.12 20.02
CA SER D 260 51.58 -19.87 18.93
C SER D 260 52.04 -21.24 19.43
N GLU D 261 52.39 -21.35 20.72
CA GLU D 261 52.91 -22.62 21.30
C GLU D 261 51.80 -23.36 22.06
N PHE D 262 50.54 -22.98 21.85
CA PHE D 262 49.36 -23.59 22.50
C PHE D 262 49.35 -23.41 24.04
N HIS D 263 49.94 -22.35 24.58
CA HIS D 263 49.83 -22.01 26.03
C HIS D 263 48.68 -21.04 26.30
N LEU D 264 47.95 -21.30 27.37
CA LEU D 264 47.07 -20.30 28.04
C LEU D 264 47.83 -18.99 28.23
N ARG D 265 47.18 -17.86 28.04
CA ARG D 265 47.77 -16.54 28.36
C ARG D 265 46.74 -15.73 29.13
N PRO D 266 47.17 -14.81 30.03
CA PRO D 266 46.22 -14.05 30.84
C PRO D 266 45.50 -13.07 29.92
N PRO D 267 44.25 -12.65 30.24
CA PRO D 267 43.46 -11.80 29.35
C PRO D 267 44.24 -10.68 28.66
#